data_9GBR
#
_entry.id   9GBR
#
_cell.length_a   73.053
_cell.length_b   77.377
_cell.length_c   82.914
_cell.angle_alpha   88.38
_cell.angle_beta   64.31
_cell.angle_gamma   74.92
#
_symmetry.space_group_name_H-M   'P 1'
#
loop_
_entity.id
_entity.type
_entity.pdbx_description
1 polymer 'Angiotensin-converting enzyme, soluble form'
2 branched 2-acetamido-2-deoxy-beta-D-glucopyranose-(1-4)-2-acetamido-2-deoxy-beta-D-glucopyranose
3 branched alpha-L-fucopyranose-(1-6)-2-acetamido-2-deoxy-beta-D-glucopyranose
4 branched beta-D-mannopyranose-(1-4)-2-acetamido-2-deoxy-beta-D-glucopyranose-(1-4)-[alpha-L-fucopyranose-(1-6)]2-acetamido-2-deoxy-beta-D-glucopyranose
5 non-polymer 2-acetamido-2-deoxy-beta-D-glucopyranose
6 non-polymer 'ZINC ION'
7 non-polymer 'CHLORIDE ION'
8 non-polymer '(2S)-1-[(2S)-2-[[(1S)-1-[(2S)-1-[(2S)-2-azanyl-5-oxidanyl-5-oxidanylidene-pentanoyl]pyrrolidin-2-yl]-2-oxidanyl-2-oxidanylidene-ethyl]amino]propanoyl]pyrrolidine-2-carboxylic acid'
9 non-polymer 'TRIETHYLENE GLYCOL'
10 non-polymer 3,6,9,12,15,18-HEXAOXAICOSANE-1,20-DIOL
11 non-polymer 'TETRAETHYLENE GLYCOL'
12 water water
#
_entity_poly.entity_id   1
_entity_poly.type   'polypeptide(L)'
_entity_poly.pdbx_seq_one_letter_code
;LDPGLQPGQFSADEAGAQLFAQSYQSSAEQVLFQSVAASWAHDTNITAENARRQEEAALLSQEFAEAWGQKAKELYEPIW
QQFTDPQLRRIIGAVRTLGSANLPLAKRQQYNALLSQMSRIYSTAKVCLPQKTATCWSLDPDLTNILASSRSYAMLLFAW
EGWHNAAGIPLKPLYEDFTALSNEAYKQDGFTDTGAYWRSWYNSPTFEDDLEHLYQQLEPLYLNLHAFVRRALHRRYGDR
YINLRGPIPAHLLGDMWAQSWENIYDMVVPFPDKPNLDVTSTMLQQGWQATHMFRVAEEFFTSLELSPMPPEFWEGSMLE
KPADGREVVCHASAWDFYNRKDFRIKQCTRVTMDQLSTVHHEMGHIQYYLQYKDLPVSLRRGANPGFHEAIGDVLALSVS
TPEHLHKIGLLDRVTNDTESDINYLLKMALEKIAFLPFGYLVDQWRWGVFSGRTPPSRYNFDWWYLRTKYQGICPPVTRN
ETHFDAGAKFHVPNVTPYIRYFVSFVLQFQFHEALCKEAGYEGPLHQCDIYRSTKAGAKLRKVLRAGSSRPWQEVLKDMV
GLDALDAQPLLKYFQLVTQWLQEQNQQNGEVLGWPEYQWHPPLPDNYPEGIDLVTDEAEASKFVEEYD
;
_entity_poly.pdbx_strand_id   A,B
#
# COMPACT_ATOMS: atom_id res chain seq x y z
N LEU A 1 10.64 33.59 27.65
CA LEU A 1 11.52 34.06 26.56
C LEU A 1 12.12 35.40 26.97
N ASP A 2 13.43 35.52 26.81
CA ASP A 2 14.13 36.73 27.23
C ASP A 2 13.48 37.94 26.55
N PRO A 3 13.26 39.09 27.23
CA PRO A 3 12.65 40.26 26.59
C PRO A 3 13.26 40.67 25.24
N GLY A 4 14.60 40.71 25.16
CA GLY A 4 15.28 41.00 23.91
C GLY A 4 15.04 39.94 22.83
N LEU A 5 14.38 38.82 23.18
CA LEU A 5 14.17 37.80 22.15
C LEU A 5 12.73 37.81 21.65
N GLN A 6 11.89 38.63 22.29
CA GLN A 6 10.46 38.59 22.03
C GLN A 6 10.11 39.54 20.90
N PRO A 7 9.03 39.29 20.12
CA PRO A 7 8.56 40.26 19.13
C PRO A 7 7.92 41.54 19.65
N GLY A 8 8.24 42.66 19.01
CA GLY A 8 7.60 43.95 19.22
C GLY A 8 6.35 44.08 18.37
N GLN A 9 6.02 45.30 17.99
CA GLN A 9 4.87 45.59 17.16
C GLN A 9 5.37 45.98 15.76
N PHE A 10 4.56 45.58 14.79
CA PHE A 10 4.79 45.78 13.38
C PHE A 10 3.40 46.04 12.79
N SER A 11 3.32 46.85 11.75
CA SER A 11 2.04 47.12 11.10
C SER A 11 1.61 45.87 10.34
N ALA A 12 0.33 45.84 10.01
CA ALA A 12 -0.36 44.71 9.43
C ALA A 12 -0.27 44.74 7.89
N ASP A 13 0.96 44.73 7.34
CA ASP A 13 1.20 45.01 5.93
C ASP A 13 2.62 44.59 5.55
N GLU A 14 2.92 44.65 4.23
CA GLU A 14 4.18 44.13 3.74
C GLU A 14 5.36 44.96 4.27
N ALA A 15 5.13 46.24 4.63
CA ALA A 15 6.30 46.99 5.08
C ALA A 15 6.65 46.62 6.53
N GLY A 16 5.61 46.35 7.32
CA GLY A 16 5.75 45.76 8.66
C GLY A 16 6.37 44.36 8.66
N ALA A 17 5.88 43.47 7.80
CA ALA A 17 6.55 42.18 7.52
C ALA A 17 8.10 42.22 7.36
N GLN A 18 8.64 43.14 6.53
CA GLN A 18 10.07 43.29 6.28
C GLN A 18 10.85 43.64 7.56
N LEU A 19 10.33 44.64 8.32
CA LEU A 19 10.87 44.97 9.63
C LEU A 19 10.74 43.77 10.57
N PHE A 20 9.61 43.10 10.50
CA PHE A 20 9.42 41.89 11.32
C PHE A 20 10.49 40.79 11.03
N ALA A 21 10.72 40.56 9.74
CA ALA A 21 11.66 39.51 9.38
C ALA A 21 13.07 39.95 9.83
N GLN A 22 13.38 41.24 9.72
CA GLN A 22 14.71 41.72 10.08
C GLN A 22 14.93 41.59 11.60
N SER A 23 13.90 41.99 12.37
CA SER A 23 13.93 41.85 13.80
C SER A 23 14.02 40.37 14.21
N TYR A 24 13.25 39.49 13.55
CA TYR A 24 13.32 38.07 13.83
C TYR A 24 14.74 37.50 13.64
N GLN A 25 15.39 37.96 12.54
CA GLN A 25 16.66 37.37 12.11
C GLN A 25 17.71 37.64 13.19
N SER A 26 17.60 38.81 13.78
CA SER A 26 18.54 39.19 14.82
C SER A 26 18.40 38.26 16.03
N SER A 27 17.14 37.93 16.37
CA SER A 27 16.96 37.07 17.53
C SER A 27 17.04 35.57 17.18
N ALA A 28 16.53 35.16 16.00
CA ALA A 28 16.64 33.75 15.59
C ALA A 28 18.07 33.20 15.65
N GLU A 29 19.11 33.99 15.30
CA GLU A 29 20.42 33.37 15.18
C GLU A 29 20.92 33.07 16.60
N GLN A 30 20.51 33.90 17.55
CA GLN A 30 20.99 33.60 18.88
C GLN A 30 20.27 32.36 19.35
N VAL A 31 19.02 32.20 18.94
CA VAL A 31 18.27 31.06 19.46
C VAL A 31 18.70 29.74 18.76
N LEU A 32 18.83 29.79 17.44
CA LEU A 32 19.43 28.68 16.68
C LEU A 32 20.79 28.23 17.21
N PHE A 33 21.69 29.19 17.47
CA PHE A 33 23.03 28.87 17.97
C PHE A 33 22.93 28.08 19.27
N GLN A 34 22.21 28.64 20.30
CA GLN A 34 22.16 27.96 21.59
C GLN A 34 21.65 26.52 21.40
N SER A 35 20.70 26.37 20.53
CA SER A 35 20.10 25.07 20.28
C SER A 35 21.08 24.11 19.59
N VAL A 36 21.67 24.58 18.48
CA VAL A 36 22.71 23.82 17.79
C VAL A 36 23.87 23.49 18.72
N ALA A 37 24.32 24.47 19.53
CA ALA A 37 25.46 24.26 20.44
C ALA A 37 25.16 23.16 21.46
N ALA A 38 23.94 23.21 21.99
CA ALA A 38 23.54 22.24 22.99
C ALA A 38 23.44 20.85 22.36
N SER A 39 22.99 20.77 21.11
CA SER A 39 22.96 19.48 20.37
C SER A 39 24.36 18.91 20.14
N TRP A 40 25.30 19.80 19.81
CA TRP A 40 26.69 19.45 19.57
C TRP A 40 27.29 18.89 20.85
N ALA A 41 27.02 19.56 21.99
CA ALA A 41 27.64 19.16 23.23
C ALA A 41 27.14 17.78 23.57
N HIS A 42 25.90 17.52 23.20
CA HIS A 42 25.27 16.25 23.55
C HIS A 42 25.78 15.17 22.60
N ASP A 43 25.78 15.47 21.32
CA ASP A 43 26.12 14.47 20.30
C ASP A 43 27.61 14.09 20.31
N THR A 44 28.51 14.96 20.80
CA THR A 44 29.93 14.65 20.90
C THR A 44 30.27 14.17 22.29
N ASN A 45 29.26 13.97 23.15
CA ASN A 45 29.56 13.64 24.54
C ASN A 45 28.25 13.28 25.24
N ILE A 46 27.78 12.04 25.01
CA ILE A 46 26.40 11.71 25.34
C ILE A 46 26.35 11.49 26.86
N THR A 47 25.68 12.39 27.58
CA THR A 47 25.58 12.29 29.05
C THR A 47 24.18 12.73 29.43
N ALA A 48 23.71 12.31 30.61
CA ALA A 48 22.38 12.69 31.09
C ALA A 48 22.30 14.22 31.21
N GLU A 49 23.39 14.82 31.67
CA GLU A 49 23.45 16.25 31.90
C GLU A 49 23.41 16.99 30.57
N ASN A 50 24.17 16.51 29.57
CA ASN A 50 24.03 17.09 28.23
C ASN A 50 22.62 16.89 27.67
N ALA A 51 21.98 15.74 27.89
CA ALA A 51 20.65 15.65 27.27
C ALA A 51 19.69 16.64 27.95
N ARG A 52 19.89 16.87 29.27
CA ARG A 52 19.02 17.80 29.98
C ARG A 52 19.16 19.20 29.39
N ARG A 53 20.41 19.60 29.13
CA ARG A 53 20.66 20.91 28.58
C ARG A 53 20.08 21.02 27.19
N GLN A 54 20.13 19.94 26.38
CA GLN A 54 19.64 20.05 25.02
C GLN A 54 18.12 20.18 25.08
N GLU A 55 17.51 19.45 26.03
CA GLU A 55 16.07 19.54 26.18
C GLU A 55 15.69 20.97 26.54
N GLU A 56 16.42 21.60 27.47
CA GLU A 56 16.09 22.98 27.83
C GLU A 56 16.27 23.92 26.63
N ALA A 57 17.28 23.66 25.78
CA ALA A 57 17.49 24.54 24.65
C ALA A 57 16.35 24.36 23.64
N ALA A 58 15.85 23.14 23.53
CA ALA A 58 14.80 22.89 22.54
C ALA A 58 13.53 23.58 23.02
N LEU A 59 13.32 23.68 24.34
CA LEU A 59 12.12 24.32 24.87
C LEU A 59 12.19 25.83 24.59
N LEU A 60 13.38 26.40 24.77
CA LEU A 60 13.57 27.82 24.45
C LEU A 60 13.23 28.07 22.98
N SER A 61 13.74 27.21 22.07
N SER A 61 13.68 27.19 22.09
CA SER A 61 13.44 27.29 20.65
CA SER A 61 13.42 27.41 20.68
C SER A 61 11.95 27.31 20.41
C SER A 61 11.95 27.26 20.35
N GLN A 62 11.24 26.37 21.07
CA GLN A 62 9.79 26.31 20.94
C GLN A 62 9.14 27.60 21.47
N GLU A 63 9.63 28.16 22.56
CA GLU A 63 8.99 29.36 23.07
C GLU A 63 9.14 30.52 22.08
N PHE A 64 10.34 30.59 21.49
CA PHE A 64 10.69 31.56 20.45
C PHE A 64 9.75 31.37 19.25
N ALA A 65 9.68 30.14 18.76
CA ALA A 65 8.90 29.84 17.57
C ALA A 65 7.45 30.19 17.82
N GLU A 66 6.93 29.87 19.02
CA GLU A 66 5.55 30.13 19.29
C GLU A 66 5.32 31.65 19.35
N ALA A 67 6.22 32.42 20.01
CA ALA A 67 5.93 33.86 20.10
C ALA A 67 5.97 34.54 18.71
N TRP A 68 7.00 34.21 17.91
CA TRP A 68 7.19 34.90 16.63
C TRP A 68 6.21 34.36 15.60
N GLY A 69 5.96 33.03 15.66
CA GLY A 69 4.88 32.33 14.97
C GLY A 69 3.50 32.92 15.19
N GLN A 70 3.03 33.05 16.45
CA GLN A 70 1.71 33.60 16.67
C GLN A 70 1.64 35.07 16.35
N LYS A 71 2.75 35.80 16.49
CA LYS A 71 2.76 37.19 16.06
C LYS A 71 2.62 37.25 14.52
N ALA A 72 3.41 36.43 13.82
CA ALA A 72 3.35 36.34 12.35
C ALA A 72 1.91 36.03 11.92
N LYS A 73 1.27 35.07 12.58
CA LYS A 73 -0.17 34.89 12.39
C LYS A 73 -0.96 36.16 12.58
N GLU A 74 -0.99 36.67 13.82
CA GLU A 74 -1.87 37.75 14.25
C GLU A 74 -1.84 38.90 13.23
N LEU A 75 -0.67 39.21 12.67
CA LEU A 75 -0.51 40.39 11.81
C LEU A 75 -0.65 40.08 10.32
N TYR A 76 -0.43 38.84 9.89
CA TYR A 76 -0.17 38.65 8.46
C TYR A 76 -0.91 37.41 7.93
N GLU A 77 -1.95 36.93 8.63
CA GLU A 77 -2.46 35.58 8.38
C GLU A 77 -2.89 35.46 6.91
N PRO A 78 -3.76 36.36 6.41
CA PRO A 78 -4.11 36.34 4.98
C PRO A 78 -2.95 36.76 4.06
N ILE A 79 -2.74 38.08 4.12
CA ILE A 79 -1.97 38.95 3.26
C ILE A 79 -0.55 38.47 2.95
N TRP A 80 -0.06 37.44 3.68
CA TRP A 80 1.33 37.06 3.51
C TRP A 80 1.53 36.41 2.15
N GLN A 81 0.43 35.82 1.64
CA GLN A 81 0.52 35.06 0.41
C GLN A 81 0.54 36.00 -0.79
N GLN A 82 0.14 37.26 -0.56
CA GLN A 82 0.01 38.28 -1.59
C GLN A 82 1.19 39.24 -1.58
N PHE A 83 2.15 39.05 -0.67
CA PHE A 83 3.33 39.92 -0.65
C PHE A 83 4.04 39.97 -2.02
N THR A 84 4.44 41.18 -2.39
CA THR A 84 5.17 41.38 -3.64
C THR A 84 6.56 40.74 -3.56
N ASP A 85 7.12 40.66 -2.31
CA ASP A 85 8.51 40.23 -2.17
C ASP A 85 8.51 38.73 -2.05
N PRO A 86 9.03 37.94 -3.04
CA PRO A 86 8.92 36.48 -2.93
C PRO A 86 9.72 35.93 -1.75
N GLN A 87 10.91 36.49 -1.50
CA GLN A 87 11.74 36.01 -0.42
C GLN A 87 11.07 36.25 0.94
N LEU A 88 10.44 37.43 1.10
CA LEU A 88 9.64 37.77 2.28
C LEU A 88 8.45 36.80 2.45
N ARG A 89 7.76 36.41 1.34
CA ARG A 89 6.73 35.40 1.55
C ARG A 89 7.37 34.10 2.08
N ARG A 90 8.55 33.75 1.57
CA ARG A 90 9.10 32.45 2.00
C ARG A 90 9.51 32.52 3.49
N ILE A 91 10.01 33.71 3.90
CA ILE A 91 10.47 33.85 5.26
C ILE A 91 9.27 33.81 6.19
N ILE A 92 8.22 34.58 5.84
CA ILE A 92 7.02 34.62 6.67
C ILE A 92 6.41 33.23 6.74
N GLY A 93 6.34 32.59 5.58
CA GLY A 93 5.73 31.27 5.46
C GLY A 93 6.37 30.26 6.41
N ALA A 94 7.69 30.27 6.56
CA ALA A 94 8.46 29.44 7.48
C ALA A 94 8.16 29.80 8.95
N VAL A 95 8.24 31.12 9.29
CA VAL A 95 8.01 31.63 10.64
C VAL A 95 6.62 31.21 11.14
N ARG A 96 5.60 31.33 10.30
CA ARG A 96 4.26 30.97 10.72
C ARG A 96 4.01 29.45 10.86
N THR A 97 4.97 28.59 10.49
CA THR A 97 4.78 27.16 10.74
C THR A 97 5.42 26.79 12.08
N LEU A 98 4.58 26.39 13.05
CA LEU A 98 4.97 26.30 14.47
C LEU A 98 5.55 24.92 14.80
N GLY A 99 5.11 23.89 14.08
CA GLY A 99 5.45 22.51 14.38
C GLY A 99 5.22 22.18 15.87
N SER A 100 6.25 21.58 16.47
CA SER A 100 6.18 21.14 17.88
C SER A 100 5.83 22.29 18.84
N ALA A 101 6.07 23.54 18.39
CA ALA A 101 5.68 24.72 19.18
C ALA A 101 4.17 24.86 19.32
N ASN A 102 3.41 24.07 18.53
CA ASN A 102 1.96 24.10 18.69
C ASN A 102 1.51 23.29 19.91
N LEU A 103 2.35 22.38 20.38
CA LEU A 103 1.92 21.55 21.52
C LEU A 103 1.84 22.40 22.78
N PRO A 104 0.95 22.09 23.74
CA PRO A 104 1.02 22.76 25.04
C PRO A 104 2.33 22.31 25.73
N LEU A 105 2.80 23.06 26.75
CA LEU A 105 4.08 22.83 27.41
C LEU A 105 4.33 21.37 27.81
N ALA A 106 3.39 20.72 28.52
CA ALA A 106 3.59 19.35 28.96
C ALA A 106 3.90 18.46 27.76
N LYS A 107 3.20 18.68 26.64
CA LYS A 107 3.42 17.80 25.51
C LYS A 107 4.73 18.18 24.80
N ARG A 108 5.08 19.47 24.83
CA ARG A 108 6.37 19.89 24.27
C ARG A 108 7.51 19.20 25.04
N GLN A 109 7.38 19.14 26.38
CA GLN A 109 8.41 18.50 27.19
C GLN A 109 8.49 17.00 26.87
N GLN A 110 7.35 16.32 26.72
CA GLN A 110 7.25 14.92 26.33
C GLN A 110 7.89 14.74 24.96
N TYR A 111 7.60 15.64 24.01
CA TYR A 111 8.15 15.43 22.65
C TYR A 111 9.67 15.55 22.69
N ASN A 112 10.14 16.60 23.37
CA ASN A 112 11.57 16.85 23.42
C ASN A 112 12.28 15.70 24.11
N ALA A 113 11.71 15.18 25.20
CA ALA A 113 12.27 14.01 25.88
C ALA A 113 12.31 12.79 24.99
N LEU A 114 11.25 12.55 24.19
CA LEU A 114 11.21 11.41 23.32
C LEU A 114 12.36 11.53 22.33
N LEU A 115 12.57 12.71 21.75
CA LEU A 115 13.62 12.80 20.73
C LEU A 115 14.96 12.43 21.37
N SER A 116 15.16 12.92 22.58
CA SER A 116 16.42 12.74 23.27
C SER A 116 16.64 11.24 23.58
N GLN A 117 15.60 10.56 24.09
CA GLN A 117 15.74 9.17 24.48
C GLN A 117 15.89 8.28 23.23
N MET A 118 15.18 8.63 22.14
CA MET A 118 15.30 7.83 20.91
C MET A 118 16.71 7.96 20.33
N SER A 119 17.27 9.16 20.36
CA SER A 119 18.63 9.40 19.90
C SER A 119 19.64 8.61 20.74
N ARG A 120 19.50 8.65 22.06
CA ARG A 120 20.39 7.97 22.97
C ARG A 120 20.30 6.44 22.80
N ILE A 121 19.10 5.91 22.61
CA ILE A 121 18.98 4.48 22.41
C ILE A 121 19.78 4.07 21.19
N TYR A 122 19.60 4.78 20.09
CA TYR A 122 20.24 4.36 18.85
C TYR A 122 21.76 4.46 18.99
N SER A 123 22.24 5.59 19.52
N SER A 123 22.24 5.57 19.57
CA SER A 123 23.67 5.85 19.50
CA SER A 123 23.65 5.90 19.52
C SER A 123 24.41 4.89 20.42
C SER A 123 24.46 5.29 20.67
N THR A 124 23.78 4.54 21.56
CA THR A 124 24.48 3.85 22.62
C THR A 124 24.18 2.35 22.60
N ALA A 125 23.38 1.87 21.64
CA ALA A 125 23.09 0.44 21.58
C ALA A 125 24.37 -0.36 21.30
N LYS A 126 24.46 -1.54 21.89
CA LYS A 126 25.62 -2.41 21.68
C LYS A 126 25.18 -3.85 21.41
N VAL A 127 26.04 -4.63 20.73
CA VAL A 127 25.81 -6.05 20.61
C VAL A 127 26.81 -6.74 21.53
N CYS A 128 26.29 -7.64 22.36
CA CYS A 128 27.15 -8.29 23.35
C CYS A 128 27.41 -9.73 22.97
N LEU A 129 28.66 -10.17 23.19
CA LEU A 129 29.09 -11.54 23.41
C LEU A 129 29.81 -12.09 22.17
N THR A 135 32.01 -7.48 27.04
CA THR A 135 32.75 -7.13 25.80
C THR A 135 31.79 -6.93 24.62
N CYS A 136 31.73 -5.68 24.14
CA CYS A 136 30.55 -5.19 23.42
C CYS A 136 30.93 -4.50 22.13
N TRP A 137 30.19 -4.83 21.07
CA TRP A 137 30.47 -4.18 19.81
C TRP A 137 29.51 -3.02 19.62
N SER A 138 30.04 -1.87 19.20
CA SER A 138 29.27 -0.71 18.82
C SER A 138 29.01 -0.80 17.32
N LEU A 139 28.04 0.01 16.84
CA LEU A 139 27.74 0.00 15.43
C LEU A 139 28.95 0.47 14.63
N ASP A 140 29.50 1.59 15.08
CA ASP A 140 30.64 2.20 14.42
C ASP A 140 31.81 2.26 15.43
N PRO A 141 32.98 1.60 15.19
CA PRO A 141 33.26 0.87 13.95
C PRO A 141 32.98 -0.63 13.85
N ASP A 142 32.72 -1.27 14.99
CA ASP A 142 32.76 -2.71 15.13
C ASP A 142 31.81 -3.43 14.16
N LEU A 143 30.52 -3.16 14.29
CA LEU A 143 29.54 -3.86 13.46
C LEU A 143 29.65 -3.42 11.99
N THR A 144 30.02 -2.17 11.74
CA THR A 144 30.21 -1.69 10.39
C THR A 144 31.27 -2.57 9.73
N ASN A 145 32.39 -2.78 10.43
CA ASN A 145 33.52 -3.51 9.88
C ASN A 145 33.12 -4.95 9.60
N ILE A 146 32.38 -5.59 10.50
CA ILE A 146 31.87 -6.96 10.30
C ILE A 146 31.05 -7.01 9.01
N LEU A 147 30.03 -6.12 8.90
CA LEU A 147 29.16 -6.13 7.73
C LEU A 147 30.00 -5.92 6.46
N ALA A 148 31.03 -5.05 6.53
CA ALA A 148 31.85 -4.72 5.37
C ALA A 148 32.80 -5.86 4.97
N SER A 149 33.36 -6.62 5.91
CA SER A 149 34.49 -7.45 5.52
C SER A 149 34.34 -8.93 5.91
N SER A 150 33.46 -9.26 6.85
CA SER A 150 33.27 -10.68 7.13
C SER A 150 32.51 -11.32 5.96
N ARG A 151 32.84 -12.59 5.69
CA ARG A 151 32.27 -13.37 4.60
C ARG A 151 31.81 -14.68 5.22
N SER A 152 31.68 -14.59 6.54
CA SER A 152 31.19 -15.72 7.30
C SER A 152 29.70 -15.47 7.56
N TYR A 153 28.90 -16.33 6.95
CA TYR A 153 27.48 -16.18 7.02
C TYR A 153 27.01 -16.08 8.49
N ALA A 154 27.66 -16.81 9.41
CA ALA A 154 27.20 -16.86 10.79
C ALA A 154 27.56 -15.57 11.55
N MET A 155 28.75 -15.02 11.27
CA MET A 155 29.25 -13.80 11.87
C MET A 155 28.39 -12.60 11.45
N LEU A 156 28.17 -12.47 10.14
CA LEU A 156 27.32 -11.44 9.57
C LEU A 156 25.92 -11.51 10.20
N LEU A 157 25.44 -12.73 10.41
CA LEU A 157 24.10 -12.93 10.95
C LEU A 157 24.05 -12.42 12.38
N PHE A 158 25.08 -12.85 13.14
CA PHE A 158 25.19 -12.42 14.52
C PHE A 158 25.14 -10.90 14.60
N ALA A 159 25.93 -10.21 13.75
CA ALA A 159 26.01 -8.76 13.78
C ALA A 159 24.66 -8.15 13.34
N TRP A 160 24.11 -8.67 12.24
CA TRP A 160 22.83 -8.15 11.74
C TRP A 160 21.71 -8.28 12.77
N GLU A 161 21.52 -9.48 13.32
CA GLU A 161 20.44 -9.72 14.26
C GLU A 161 20.69 -8.95 15.56
N GLY A 162 21.95 -9.04 16.05
CA GLY A 162 22.32 -8.35 17.28
C GLY A 162 21.90 -6.88 17.20
N TRP A 163 22.33 -6.18 16.12
CA TRP A 163 22.05 -4.77 15.88
C TRP A 163 20.54 -4.45 15.86
N HIS A 164 19.81 -5.18 15.01
CA HIS A 164 18.40 -4.89 14.81
C HIS A 164 17.65 -5.12 16.12
N ASN A 165 17.98 -6.18 16.84
CA ASN A 165 17.34 -6.44 18.14
C ASN A 165 17.70 -5.33 19.14
N ALA A 166 18.96 -4.94 19.23
CA ALA A 166 19.45 -4.04 20.27
C ALA A 166 18.90 -2.64 20.06
N ALA A 167 18.89 -2.15 18.81
CA ALA A 167 18.45 -0.80 18.50
C ALA A 167 16.93 -0.76 18.35
N GLY A 168 16.34 -1.70 17.59
CA GLY A 168 14.94 -1.56 17.20
C GLY A 168 13.95 -1.79 18.36
N ILE A 169 14.15 -2.90 19.10
CA ILE A 169 13.17 -3.36 20.08
C ILE A 169 12.85 -2.27 21.13
N PRO A 170 13.83 -1.64 21.83
CA PRO A 170 13.48 -0.59 22.81
C PRO A 170 12.89 0.71 22.25
N LEU A 171 13.11 0.99 20.98
CA LEU A 171 12.61 2.21 20.35
C LEU A 171 11.11 2.18 20.07
N LYS A 172 10.55 0.98 19.90
CA LYS A 172 9.20 0.88 19.34
C LYS A 172 8.21 1.68 20.22
N PRO A 173 8.13 1.48 21.54
CA PRO A 173 7.15 2.25 22.35
C PRO A 173 7.35 3.77 22.25
N LEU A 174 8.61 4.22 22.15
CA LEU A 174 8.89 5.64 22.04
C LEU A 174 8.43 6.18 20.68
N TYR A 175 8.71 5.41 19.62
CA TYR A 175 8.38 5.84 18.27
C TYR A 175 6.88 6.06 18.11
N GLU A 176 6.09 5.15 18.68
N GLU A 176 6.08 5.15 18.68
CA GLU A 176 4.65 5.25 18.65
CA GLU A 176 4.64 5.25 18.67
C GLU A 176 4.17 6.58 19.27
C GLU A 176 4.18 6.58 19.26
N ASP A 177 4.76 6.96 20.42
CA ASP A 177 4.33 8.15 21.16
C ASP A 177 4.81 9.40 20.44
N PHE A 178 6.01 9.31 19.81
CA PHE A 178 6.56 10.41 19.03
C PHE A 178 5.63 10.69 17.84
N THR A 179 5.19 9.65 17.14
CA THR A 179 4.36 9.77 15.93
C THR A 179 3.08 10.52 16.24
N ALA A 180 2.43 10.09 17.33
CA ALA A 180 1.18 10.75 17.74
C ALA A 180 1.39 12.24 18.04
N LEU A 181 2.46 12.60 18.78
CA LEU A 181 2.67 13.98 19.19
C LEU A 181 3.04 14.81 17.94
N SER A 182 3.84 14.23 17.07
CA SER A 182 4.29 14.95 15.87
C SER A 182 3.05 15.30 15.04
N ASN A 183 2.18 14.32 14.80
CA ASN A 183 0.97 14.54 14.04
C ASN A 183 0.08 15.60 14.71
N GLU A 184 -0.09 15.51 16.03
N GLU A 184 -0.08 15.51 16.04
CA GLU A 184 -0.89 16.51 16.74
CA GLU A 184 -0.84 16.50 16.79
C GLU A 184 -0.33 17.94 16.55
C GLU A 184 -0.34 17.92 16.53
N ALA A 185 0.98 18.09 16.57
CA ALA A 185 1.66 19.36 16.34
C ALA A 185 1.37 19.89 14.93
N TYR A 186 1.61 19.09 13.89
CA TYR A 186 1.53 19.56 12.53
C TYR A 186 0.10 19.73 12.08
N LYS A 187 -0.80 18.96 12.67
CA LYS A 187 -2.18 19.12 12.30
C LYS A 187 -2.69 20.52 12.70
N GLN A 188 -2.10 21.16 13.71
CA GLN A 188 -2.49 22.55 14.01
C GLN A 188 -1.83 23.57 13.06
N ASP A 189 -0.88 23.13 12.24
CA ASP A 189 -0.37 23.98 11.17
C ASP A 189 -1.25 23.79 9.92
N GLY A 190 -2.30 22.96 9.96
CA GLY A 190 -3.17 22.69 8.81
C GLY A 190 -2.72 21.50 7.93
N PHE A 191 -1.76 20.65 8.34
CA PHE A 191 -1.33 19.48 7.57
C PHE A 191 -2.13 18.26 8.01
N THR A 192 -2.50 17.37 7.08
CA THR A 192 -3.21 16.16 7.46
C THR A 192 -2.38 15.24 8.39
N ASP A 193 -1.05 15.27 8.27
CA ASP A 193 -0.15 14.51 9.12
C ASP A 193 1.26 15.04 8.88
N THR A 194 2.22 14.53 9.65
CA THR A 194 3.59 15.05 9.58
C THR A 194 4.20 14.78 8.18
N GLY A 195 3.88 13.63 7.57
CA GLY A 195 4.50 13.30 6.27
C GLY A 195 4.00 14.27 5.19
N ALA A 196 2.78 14.81 5.35
CA ALA A 196 2.29 15.81 4.39
C ALA A 196 3.10 17.10 4.53
N TYR A 197 3.40 17.48 5.79
CA TYR A 197 4.28 18.61 5.96
C TYR A 197 5.68 18.30 5.37
N TRP A 198 6.24 17.14 5.60
CA TRP A 198 7.58 16.92 5.04
C TRP A 198 7.56 17.01 3.50
N ARG A 199 6.53 16.42 2.87
CA ARG A 199 6.40 16.47 1.40
C ARG A 199 6.21 17.91 0.89
N SER A 200 5.57 18.81 1.67
CA SER A 200 5.32 20.17 1.21
C SER A 200 6.63 20.94 0.89
N TRP A 201 7.78 20.50 1.43
CA TRP A 201 9.03 21.17 1.14
C TRP A 201 9.39 21.08 -0.36
N TYR A 202 8.77 20.16 -1.12
CA TYR A 202 9.14 19.99 -2.51
C TYR A 202 8.25 20.87 -3.38
N ASN A 203 7.27 21.52 -2.74
CA ASN A 203 6.37 22.43 -3.44
C ASN A 203 5.96 21.90 -4.82
N SER A 204 5.38 20.70 -4.84
CA SER A 204 5.06 20.07 -6.10
C SER A 204 3.78 19.26 -5.90
N PRO A 205 2.61 19.62 -6.50
CA PRO A 205 1.40 18.85 -6.19
C PRO A 205 1.43 17.40 -6.70
N THR A 206 2.31 17.07 -7.67
CA THR A 206 2.35 15.69 -8.16
C THR A 206 3.59 14.96 -7.62
N PHE A 207 4.20 15.43 -6.51
CA PHE A 207 5.42 14.83 -5.98
C PHE A 207 5.44 13.30 -5.94
N GLU A 208 4.46 12.66 -5.29
CA GLU A 208 4.48 11.20 -5.13
C GLU A 208 4.41 10.47 -6.49
N ASP A 209 3.54 10.95 -7.40
CA ASP A 209 3.45 10.41 -8.75
C ASP A 209 4.73 10.65 -9.56
N ASP A 210 5.33 11.84 -9.42
CA ASP A 210 6.60 12.14 -10.09
C ASP A 210 7.70 11.16 -9.67
N LEU A 211 7.73 10.82 -8.37
CA LEU A 211 8.76 9.91 -7.84
C LEU A 211 8.47 8.50 -8.33
N GLU A 212 7.16 8.11 -8.35
CA GLU A 212 6.82 6.78 -8.80
C GLU A 212 7.25 6.61 -10.25
N HIS A 213 7.09 7.65 -11.06
CA HIS A 213 7.41 7.60 -12.48
C HIS A 213 8.93 7.47 -12.67
N LEU A 214 9.68 8.19 -11.83
CA LEU A 214 11.13 8.09 -11.81
C LEU A 214 11.51 6.66 -11.50
N TYR A 215 10.95 6.14 -10.39
CA TYR A 215 11.30 4.80 -9.94
C TYR A 215 11.05 3.76 -11.06
N GLN A 216 9.94 3.92 -11.80
CA GLN A 216 9.64 2.95 -12.87
C GLN A 216 10.74 2.88 -13.91
N GLN A 217 11.41 3.99 -14.21
CA GLN A 217 12.48 4.02 -15.20
C GLN A 217 13.76 3.41 -14.65
N LEU A 218 13.94 3.44 -13.34
CA LEU A 218 15.20 3.00 -12.75
C LEU A 218 15.10 1.54 -12.36
N GLU A 219 13.88 1.06 -12.13
CA GLU A 219 13.71 -0.28 -11.58
C GLU A 219 14.43 -1.35 -12.43
N PRO A 220 14.34 -1.39 -13.77
CA PRO A 220 15.04 -2.45 -14.52
C PRO A 220 16.55 -2.51 -14.21
N LEU A 221 17.21 -1.34 -13.99
CA LEU A 221 18.65 -1.31 -13.77
C LEU A 221 18.87 -2.07 -12.46
N TYR A 222 18.01 -1.74 -11.46
CA TYR A 222 18.17 -2.39 -10.16
C TYR A 222 17.95 -3.88 -10.27
N LEU A 223 16.92 -4.32 -11.01
CA LEU A 223 16.62 -5.73 -11.07
C LEU A 223 17.81 -6.49 -11.69
N ASN A 224 18.44 -5.93 -12.73
CA ASN A 224 19.56 -6.62 -13.36
C ASN A 224 20.79 -6.64 -12.43
N LEU A 225 21.03 -5.54 -11.74
CA LEU A 225 22.16 -5.50 -10.79
C LEU A 225 21.99 -6.56 -9.70
N HIS A 226 20.77 -6.61 -9.13
CA HIS A 226 20.35 -7.58 -8.11
C HIS A 226 20.59 -9.02 -8.54
N ALA A 227 20.12 -9.36 -9.73
CA ALA A 227 20.21 -10.72 -10.22
C ALA A 227 21.68 -11.15 -10.38
N PHE A 228 22.50 -10.20 -10.83
CA PHE A 228 23.88 -10.51 -11.11
C PHE A 228 24.59 -10.71 -9.77
N VAL A 229 24.30 -9.82 -8.81
CA VAL A 229 24.92 -9.92 -7.49
C VAL A 229 24.46 -11.21 -6.77
N ARG A 230 23.17 -11.52 -6.88
CA ARG A 230 22.61 -12.74 -6.31
C ARG A 230 23.40 -13.98 -6.80
N ARG A 231 23.71 -14.00 -8.11
CA ARG A 231 24.50 -15.09 -8.70
C ARG A 231 25.90 -15.19 -8.06
N ALA A 232 26.57 -14.03 -7.92
CA ALA A 232 27.89 -13.96 -7.29
C ALA A 232 27.79 -14.47 -5.85
N LEU A 233 26.75 -14.09 -5.10
CA LEU A 233 26.64 -14.58 -3.73
C LEU A 233 26.37 -16.07 -3.67
N HIS A 234 25.57 -16.58 -4.63
CA HIS A 234 25.28 -18.01 -4.67
C HIS A 234 26.57 -18.80 -4.86
N ARG A 235 27.46 -18.29 -5.74
CA ARG A 235 28.70 -19.03 -6.00
C ARG A 235 29.58 -19.06 -4.76
N ARG A 236 29.40 -18.13 -3.82
CA ARG A 236 30.21 -18.09 -2.60
C ARG A 236 29.50 -18.73 -1.42
N TYR A 237 28.19 -18.50 -1.27
CA TYR A 237 27.48 -18.95 -0.08
C TYR A 237 26.78 -20.28 -0.34
N GLY A 238 26.51 -20.65 -1.59
CA GLY A 238 25.89 -21.93 -1.86
C GLY A 238 24.36 -21.86 -1.85
N ASP A 239 23.75 -22.95 -2.29
CA ASP A 239 22.34 -23.10 -2.57
C ASP A 239 21.51 -23.12 -1.27
N ARG A 240 22.13 -23.51 -0.18
CA ARG A 240 21.37 -23.50 1.06
C ARG A 240 21.06 -22.08 1.53
N TYR A 241 21.94 -21.10 1.31
CA TYR A 241 21.71 -19.78 1.88
C TYR A 241 21.27 -18.74 0.85
N ILE A 242 21.45 -19.03 -0.45
CA ILE A 242 21.06 -18.14 -1.54
C ILE A 242 20.12 -18.93 -2.45
N ASN A 243 18.98 -18.32 -2.75
CA ASN A 243 17.93 -18.81 -3.62
C ASN A 243 17.96 -17.93 -4.87
N LEU A 244 18.36 -18.55 -5.99
CA LEU A 244 18.50 -17.85 -7.26
C LEU A 244 17.15 -17.31 -7.77
N ARG A 245 16.04 -17.68 -7.13
CA ARG A 245 14.75 -17.13 -7.54
C ARG A 245 14.03 -16.39 -6.40
N GLY A 246 14.74 -16.16 -5.29
CA GLY A 246 14.16 -15.58 -4.09
C GLY A 246 14.93 -14.30 -3.70
N PRO A 247 14.47 -13.59 -2.63
CA PRO A 247 15.14 -12.39 -2.16
C PRO A 247 16.51 -12.73 -1.56
N ILE A 248 17.42 -11.76 -1.60
CA ILE A 248 18.75 -11.99 -1.03
C ILE A 248 18.65 -11.80 0.47
N PRO A 249 19.27 -12.67 1.32
CA PRO A 249 19.35 -12.39 2.75
C PRO A 249 19.98 -11.03 3.04
N ALA A 250 19.41 -10.28 4.00
CA ALA A 250 19.63 -8.85 4.05
C ALA A 250 20.98 -8.53 4.70
N HIS A 251 21.74 -9.54 5.18
CA HIS A 251 23.01 -9.25 5.86
C HIS A 251 24.24 -9.61 4.98
N LEU A 252 24.01 -9.89 3.70
CA LEU A 252 25.14 -10.34 2.87
C LEU A 252 25.60 -9.27 1.88
N LEU A 253 25.12 -8.02 1.98
CA LEU A 253 25.39 -7.07 0.92
C LEU A 253 26.41 -6.01 1.33
N GLY A 254 27.09 -6.18 2.48
CA GLY A 254 28.24 -5.33 2.78
C GLY A 254 27.93 -4.19 3.76
N ASP A 255 26.64 -4.05 4.08
CA ASP A 255 26.17 -2.87 4.79
C ASP A 255 25.05 -3.33 5.74
N MET A 256 24.95 -2.71 6.93
CA MET A 256 23.90 -3.10 7.89
C MET A 256 22.46 -2.98 7.30
N TRP A 257 22.23 -2.02 6.41
CA TRP A 257 20.91 -1.81 5.83
C TRP A 257 20.73 -2.36 4.41
N ALA A 258 21.76 -3.02 3.89
CA ALA A 258 21.81 -3.44 2.50
C ALA A 258 21.61 -2.23 1.60
N GLN A 259 22.07 -1.05 2.03
CA GLN A 259 21.63 0.14 1.29
C GLN A 259 22.67 0.55 0.26
N SER A 260 23.89 0.15 0.48
CA SER A 260 24.71 0.22 -0.71
C SER A 260 25.71 -0.91 -0.63
N TRP A 261 26.06 -1.37 -1.83
CA TRP A 261 26.71 -2.66 -1.88
C TRP A 261 28.17 -2.53 -2.26
N GLU A 262 28.76 -1.32 -2.21
CA GLU A 262 30.17 -1.15 -2.58
C GLU A 262 31.12 -2.16 -1.92
N ASN A 263 30.85 -2.61 -0.68
CA ASN A 263 31.75 -3.50 0.04
C ASN A 263 31.82 -4.93 -0.49
N ILE A 264 30.90 -5.33 -1.38
CA ILE A 264 31.09 -6.67 -1.89
C ILE A 264 31.61 -6.57 -3.34
N TYR A 265 32.13 -5.41 -3.71
CA TYR A 265 32.78 -5.23 -5.01
C TYR A 265 33.76 -6.36 -5.31
N ASP A 266 34.64 -6.71 -4.33
CA ASP A 266 35.67 -7.72 -4.60
C ASP A 266 35.05 -9.04 -4.99
N MET A 267 33.79 -9.32 -4.58
CA MET A 267 33.20 -10.60 -4.94
C MET A 267 32.45 -10.54 -6.27
N VAL A 268 32.20 -9.35 -6.81
CA VAL A 268 31.38 -9.29 -8.02
C VAL A 268 32.13 -8.75 -9.25
N VAL A 269 33.35 -8.22 -9.07
CA VAL A 269 34.07 -7.48 -10.11
C VAL A 269 34.17 -8.35 -11.36
N PRO A 270 33.60 -7.94 -12.51
CA PRO A 270 33.67 -8.81 -13.68
C PRO A 270 35.06 -9.03 -14.25
N PHE A 271 35.98 -8.02 -14.17
CA PHE A 271 37.30 -8.21 -14.80
C PHE A 271 38.42 -8.00 -13.77
N PRO A 272 38.65 -8.99 -12.88
CA PRO A 272 39.79 -8.94 -11.95
C PRO A 272 41.23 -8.70 -12.43
N ASP A 273 41.54 -8.81 -13.72
CA ASP A 273 42.91 -8.55 -14.16
C ASP A 273 43.22 -7.06 -14.38
N LYS A 274 42.19 -6.23 -14.27
CA LYS A 274 42.29 -4.81 -14.53
C LYS A 274 42.64 -4.11 -13.22
N PRO A 275 42.94 -2.79 -13.23
CA PRO A 275 43.38 -2.10 -12.00
C PRO A 275 42.31 -2.30 -10.93
N ASN A 276 42.74 -2.47 -9.68
CA ASN A 276 41.85 -2.62 -8.55
C ASN A 276 41.31 -1.24 -8.15
N LEU A 277 40.00 -1.02 -8.33
CA LEU A 277 39.37 0.29 -8.15
C LEU A 277 38.94 0.56 -6.72
N ASP A 278 39.07 -0.45 -5.86
CA ASP A 278 38.83 -0.13 -4.46
C ASP A 278 40.20 0.17 -3.85
N VAL A 279 40.46 1.43 -3.57
CA VAL A 279 41.80 1.84 -3.21
C VAL A 279 41.98 1.83 -1.71
N THR A 280 40.97 1.32 -0.95
CA THR A 280 41.14 1.21 0.50
C THR A 280 42.52 0.64 0.86
N SER A 281 42.89 -0.48 0.23
CA SER A 281 44.15 -1.08 0.68
C SER A 281 45.33 -0.13 0.46
N THR A 282 45.28 0.69 -0.59
CA THR A 282 46.34 1.65 -0.89
C THR A 282 46.36 2.78 0.15
N MET A 283 45.16 3.29 0.53
CA MET A 283 45.10 4.32 1.55
C MET A 283 45.78 3.81 2.84
N LEU A 284 45.48 2.56 3.22
CA LEU A 284 46.12 1.93 4.39
C LEU A 284 47.62 1.78 4.19
N GLN A 285 48.01 1.19 3.05
CA GLN A 285 49.43 1.03 2.77
C GLN A 285 50.11 2.38 2.88
N GLN A 286 49.47 3.47 2.41
CA GLN A 286 50.16 4.75 2.34
C GLN A 286 50.06 5.54 3.64
N GLY A 287 49.23 5.08 4.58
CA GLY A 287 49.23 5.79 5.85
C GLY A 287 48.26 6.97 5.94
N TRP A 288 47.14 6.93 5.19
CA TRP A 288 46.19 8.02 5.25
C TRP A 288 45.52 7.99 6.63
N GLN A 289 45.19 9.18 7.14
CA GLN A 289 44.40 9.37 8.36
C GLN A 289 43.20 10.27 8.07
N ALA A 290 42.29 10.43 9.05
CA ALA A 290 41.13 11.30 8.87
C ALA A 290 41.57 12.66 8.36
N THR A 291 42.62 13.22 8.98
CA THR A 291 42.98 14.57 8.61
C THR A 291 43.39 14.68 7.12
N HIS A 292 44.10 13.71 6.53
CA HIS A 292 44.44 13.76 5.10
C HIS A 292 43.17 13.73 4.26
N MET A 293 42.21 12.91 4.68
CA MET A 293 40.96 12.76 3.93
C MET A 293 40.25 14.10 3.81
N PHE A 294 40.11 14.82 4.94
CA PHE A 294 39.37 16.07 4.93
C PHE A 294 40.17 17.14 4.15
N ARG A 295 41.48 17.13 4.25
CA ARG A 295 42.28 18.08 3.47
C ARG A 295 42.24 17.80 1.96
N VAL A 296 42.22 16.54 1.59
CA VAL A 296 42.15 16.25 0.14
C VAL A 296 40.78 16.69 -0.39
N ALA A 297 39.70 16.47 0.37
CA ALA A 297 38.33 16.89 0.03
C ALA A 297 38.33 18.40 -0.14
N GLU A 298 38.91 19.12 0.84
CA GLU A 298 38.90 20.56 0.81
C GLU A 298 39.57 21.08 -0.46
N GLU A 299 40.70 20.44 -0.85
CA GLU A 299 41.47 20.91 -1.98
C GLU A 299 40.65 20.77 -3.28
N PHE A 300 39.81 19.75 -3.38
CA PHE A 300 38.88 19.66 -4.52
C PHE A 300 37.99 20.92 -4.57
N PHE A 301 37.39 21.29 -3.45
CA PHE A 301 36.55 22.47 -3.36
C PHE A 301 37.32 23.73 -3.77
N THR A 302 38.53 23.94 -3.23
CA THR A 302 39.29 25.11 -3.61
C THR A 302 39.76 25.08 -5.08
N SER A 303 40.00 23.89 -5.67
CA SER A 303 40.39 23.76 -7.09
C SER A 303 39.31 24.39 -7.99
N LEU A 304 38.08 24.36 -7.49
CA LEU A 304 36.93 24.90 -8.21
C LEU A 304 36.74 26.38 -7.89
N GLU A 305 37.65 26.97 -7.09
CA GLU A 305 37.48 28.32 -6.51
C GLU A 305 36.23 28.41 -5.65
N LEU A 306 35.82 27.32 -5.00
CA LEU A 306 34.89 27.47 -3.88
C LEU A 306 35.67 27.74 -2.58
N SER A 307 34.98 27.97 -1.44
CA SER A 307 35.70 28.41 -0.25
C SER A 307 36.42 27.26 0.44
N PRO A 308 37.61 27.52 1.04
CA PRO A 308 38.29 26.58 1.93
C PRO A 308 37.44 26.45 3.21
N MET A 309 37.72 25.40 3.98
CA MET A 309 37.15 25.27 5.32
C MET A 309 37.76 26.36 6.22
N PRO A 310 36.95 27.17 6.96
CA PRO A 310 37.52 28.19 7.83
C PRO A 310 38.29 27.59 9.01
N PRO A 311 39.11 28.41 9.72
CA PRO A 311 39.79 27.95 10.92
C PRO A 311 38.86 27.36 11.98
N GLU A 312 37.68 27.96 12.16
CA GLU A 312 36.72 27.48 13.15
C GLU A 312 36.28 26.04 12.84
N PHE A 313 36.25 25.67 11.56
CA PHE A 313 35.94 24.31 11.14
C PHE A 313 37.01 23.35 11.67
N TRP A 314 38.29 23.66 11.42
CA TRP A 314 39.38 22.76 11.82
C TRP A 314 39.52 22.71 13.36
N GLU A 315 39.20 23.82 14.03
CA GLU A 315 39.41 23.87 15.48
C GLU A 315 38.26 23.16 16.20
N GLY A 316 37.07 23.17 15.60
CA GLY A 316 35.85 22.77 16.31
C GLY A 316 35.35 21.37 15.93
N SER A 317 35.84 20.81 14.81
CA SER A 317 35.22 19.63 14.24
C SER A 317 35.63 18.39 15.04
N MET A 318 34.80 17.35 14.99
CA MET A 318 35.22 16.07 15.55
C MET A 318 35.46 15.08 14.40
N LEU A 319 36.72 14.72 14.11
CA LEU A 319 37.02 14.07 12.80
C LEU A 319 37.45 12.62 12.98
N GLU A 320 37.62 12.18 14.23
CA GLU A 320 37.79 10.80 14.60
C GLU A 320 36.87 10.52 15.80
N LYS A 321 36.44 9.25 15.92
CA LYS A 321 35.90 8.74 17.19
C LYS A 321 36.84 9.02 18.37
N PRO A 322 36.40 9.74 19.44
CA PRO A 322 37.25 9.94 20.63
C PRO A 322 37.79 8.66 21.29
N ALA A 323 39.07 8.71 21.65
CA ALA A 323 39.76 7.59 22.27
C ALA A 323 39.58 7.66 23.79
N ASP A 324 39.19 8.84 24.28
CA ASP A 324 39.25 9.18 25.69
C ASP A 324 38.20 8.42 26.51
N GLY A 325 37.45 7.51 25.88
CA GLY A 325 36.31 6.86 26.53
C GLY A 325 35.12 7.81 26.76
N ARG A 326 34.43 8.20 25.69
CA ARG A 326 33.21 9.00 25.79
C ARG A 326 32.22 8.46 24.75
N GLU A 327 30.92 8.39 25.09
CA GLU A 327 29.90 8.04 24.12
C GLU A 327 29.69 9.22 23.16
N VAL A 328 29.58 8.94 21.85
CA VAL A 328 29.30 9.98 20.89
C VAL A 328 28.26 9.44 19.91
N VAL A 329 27.61 10.31 19.14
CA VAL A 329 26.79 9.87 18.04
C VAL A 329 27.77 9.68 16.88
N CYS A 330 27.94 8.45 16.38
CA CYS A 330 28.97 8.26 15.37
C CYS A 330 28.51 8.60 13.95
N HIS A 331 27.20 8.57 13.69
CA HIS A 331 26.69 8.80 12.34
C HIS A 331 27.19 10.17 11.89
N ALA A 332 27.78 10.23 10.68
CA ALA A 332 28.45 11.45 10.19
C ALA A 332 27.42 12.56 9.99
N SER A 333 27.77 13.80 10.34
CA SER A 333 26.86 14.91 10.14
C SER A 333 27.60 16.22 9.99
N ALA A 334 26.95 17.16 9.28
CA ALA A 334 27.45 18.51 9.09
C ALA A 334 26.56 19.50 9.88
N TRP A 335 27.19 20.57 10.38
CA TRP A 335 26.56 21.41 11.38
C TRP A 335 26.73 22.87 11.06
N ASP A 336 25.60 23.56 10.89
CA ASP A 336 25.59 25.00 10.79
C ASP A 336 25.15 25.54 12.16
N PHE A 337 25.96 26.39 12.82
CA PHE A 337 25.58 27.02 14.05
C PHE A 337 24.78 28.31 13.87
N TYR A 338 24.55 28.79 12.63
CA TYR A 338 23.72 29.97 12.35
C TYR A 338 24.31 31.29 12.90
N ASN A 339 25.62 31.37 13.13
CA ASN A 339 26.21 32.64 13.58
C ASN A 339 27.16 33.11 12.50
N ARG A 340 27.13 32.42 11.36
CA ARG A 340 27.91 32.80 10.20
C ARG A 340 29.42 32.61 10.41
N LYS A 341 29.80 31.88 11.46
CA LYS A 341 31.19 31.73 11.86
C LYS A 341 31.54 30.26 12.10
N ASP A 342 30.70 29.55 12.87
CA ASP A 342 30.98 28.18 13.27
C ASP A 342 30.28 27.20 12.33
N PHE A 343 31.07 26.31 11.76
CA PHE A 343 30.52 25.27 10.89
C PHE A 343 31.43 24.08 11.11
N ARG A 344 30.86 22.89 11.33
CA ARG A 344 31.62 21.77 11.84
C ARG A 344 31.14 20.46 11.24
N ILE A 345 32.08 19.48 11.19
CA ILE A 345 31.65 18.14 10.86
C ILE A 345 31.90 17.28 12.09
N LYS A 346 31.01 16.32 12.32
CA LYS A 346 31.21 15.34 13.38
C LYS A 346 31.19 14.00 12.63
N GLN A 347 32.34 13.31 12.56
CA GLN A 347 32.37 12.06 11.82
C GLN A 347 33.38 11.15 12.53
N CYS A 348 32.99 9.87 12.77
CA CYS A 348 33.92 8.88 13.31
C CYS A 348 34.70 8.28 12.14
N THR A 349 35.60 9.07 11.58
CA THR A 349 36.13 8.72 10.26
C THR A 349 36.97 7.45 10.34
N ARG A 350 36.77 6.56 9.37
CA ARG A 350 37.63 5.38 9.19
C ARG A 350 38.29 5.51 7.81
N VAL A 351 39.46 4.89 7.66
CA VAL A 351 40.26 5.07 6.46
C VAL A 351 39.85 4.00 5.46
N THR A 352 38.92 4.40 4.60
CA THR A 352 38.36 3.56 3.55
C THR A 352 37.97 4.47 2.39
N MET A 353 37.88 3.89 1.18
CA MET A 353 37.38 4.61 0.02
C MET A 353 35.94 5.12 0.24
N ASP A 354 35.02 4.29 0.77
CA ASP A 354 33.68 4.85 0.93
C ASP A 354 33.61 5.99 1.96
N GLN A 355 34.45 5.94 2.97
CA GLN A 355 34.54 7.04 3.94
C GLN A 355 35.08 8.32 3.30
N LEU A 356 36.01 8.18 2.34
CA LEU A 356 36.43 9.33 1.59
C LEU A 356 35.22 9.94 0.87
N SER A 357 34.33 9.11 0.29
N SER A 357 34.35 9.08 0.30
CA SER A 357 33.10 9.64 -0.30
CA SER A 357 33.08 9.49 -0.27
C SER A 357 32.21 10.33 0.73
C SER A 357 32.27 10.31 0.72
N THR A 358 32.00 9.70 1.88
CA THR A 358 31.26 10.34 2.97
C THR A 358 31.89 11.69 3.36
N VAL A 359 33.22 11.79 3.50
CA VAL A 359 33.90 13.07 3.78
C VAL A 359 33.47 14.15 2.78
N HIS A 360 33.42 13.82 1.48
CA HIS A 360 32.98 14.76 0.45
C HIS A 360 31.49 15.10 0.62
N HIS A 361 30.67 14.10 0.93
CA HIS A 361 29.24 14.31 1.12
C HIS A 361 29.05 15.39 2.21
N GLU A 362 29.75 15.21 3.34
CA GLU A 362 29.53 16.06 4.51
C GLU A 362 30.14 17.43 4.22
N MET A 363 31.29 17.45 3.54
CA MET A 363 31.88 18.73 3.15
C MET A 363 31.02 19.49 2.14
N GLY A 364 30.23 18.79 1.29
CA GLY A 364 29.28 19.49 0.44
C GLY A 364 28.24 20.30 1.27
N HIS A 365 27.74 19.70 2.33
CA HIS A 365 26.87 20.40 3.29
C HIS A 365 27.57 21.67 3.79
N ILE A 366 28.80 21.52 4.30
CA ILE A 366 29.51 22.67 4.80
C ILE A 366 29.65 23.75 3.73
N GLN A 367 30.04 23.36 2.49
CA GLN A 367 30.21 24.35 1.44
C GLN A 367 28.90 25.12 1.20
N TYR A 368 27.74 24.45 1.20
CA TYR A 368 26.45 25.13 1.03
C TYR A 368 26.27 26.15 2.16
N TYR A 369 26.54 25.75 3.40
CA TYR A 369 26.32 26.67 4.52
C TYR A 369 27.24 27.88 4.40
N LEU A 370 28.49 27.66 3.95
CA LEU A 370 29.42 28.78 3.70
C LEU A 370 28.92 29.71 2.62
N GLN A 371 28.30 29.17 1.56
CA GLN A 371 27.92 30.05 0.48
C GLN A 371 26.63 30.84 0.78
N TYR A 372 25.78 30.33 1.65
CA TYR A 372 24.50 31.04 1.88
C TYR A 372 24.47 31.77 3.21
N LYS A 373 25.63 31.87 3.88
CA LYS A 373 25.65 32.27 5.29
C LYS A 373 25.08 33.68 5.45
N ASP A 374 25.08 34.43 4.35
CA ASP A 374 24.65 35.83 4.36
C ASP A 374 23.15 36.01 4.11
N LEU A 375 22.42 34.95 3.81
CA LEU A 375 20.99 35.05 3.63
C LEU A 375 20.31 35.19 4.99
N PRO A 376 19.05 35.67 5.01
CA PRO A 376 18.19 35.55 6.19
C PRO A 376 18.12 34.13 6.67
N VAL A 377 18.17 33.97 8.00
CA VAL A 377 18.15 32.65 8.61
C VAL A 377 17.11 31.72 7.98
N SER A 378 15.91 32.20 7.62
CA SER A 378 14.88 31.25 7.16
C SER A 378 15.22 30.62 5.80
N LEU A 379 16.04 31.33 5.02
CA LEU A 379 16.42 30.88 3.69
C LEU A 379 17.78 30.18 3.66
N ARG A 380 18.34 29.87 4.82
CA ARG A 380 19.61 29.14 4.91
C ARG A 380 19.34 27.64 4.83
N ARG A 381 18.92 27.19 3.65
CA ARG A 381 18.52 25.81 3.46
C ARG A 381 18.79 25.51 1.99
N GLY A 382 18.70 24.28 1.57
CA GLY A 382 19.00 23.98 0.16
C GLY A 382 17.75 24.41 -0.64
N ALA A 383 17.85 24.52 -1.96
CA ALA A 383 16.66 24.89 -2.73
C ALA A 383 15.55 23.85 -2.51
N ASN A 384 15.87 22.57 -2.31
CA ASN A 384 14.99 21.65 -1.62
C ASN A 384 15.94 20.78 -0.83
N PRO A 385 15.48 19.88 0.07
CA PRO A 385 16.44 19.07 0.81
C PRO A 385 17.33 18.13 -0.03
N GLY A 386 16.84 17.69 -1.20
CA GLY A 386 17.65 16.83 -2.05
C GLY A 386 18.86 17.56 -2.65
N PHE A 387 18.73 18.87 -2.87
CA PHE A 387 19.86 19.68 -3.32
C PHE A 387 21.00 19.62 -2.28
N HIS A 388 20.69 19.80 -0.98
CA HIS A 388 21.77 19.81 0.01
C HIS A 388 22.45 18.45 0.00
N GLU A 389 21.68 17.37 -0.22
CA GLU A 389 22.26 16.04 -0.22
C GLU A 389 23.09 15.78 -1.49
N ALA A 390 22.90 16.53 -2.57
CA ALA A 390 23.60 16.15 -3.79
C ALA A 390 24.96 16.86 -3.96
N ILE A 391 25.24 17.92 -3.20
CA ILE A 391 26.41 18.75 -3.51
C ILE A 391 27.71 17.93 -3.40
N GLY A 392 27.92 17.34 -2.22
CA GLY A 392 29.19 16.59 -2.05
C GLY A 392 29.32 15.35 -2.94
N ASP A 393 28.15 14.69 -3.17
CA ASP A 393 28.12 13.49 -4.00
C ASP A 393 28.54 13.87 -5.44
N VAL A 394 28.12 15.04 -5.95
CA VAL A 394 28.54 15.39 -7.33
C VAL A 394 30.06 15.48 -7.40
N LEU A 395 30.69 16.14 -6.42
CA LEU A 395 32.15 16.19 -6.49
C LEU A 395 32.72 14.79 -6.36
N ALA A 396 32.15 13.95 -5.47
CA ALA A 396 32.70 12.62 -5.27
C ALA A 396 32.61 11.80 -6.57
N LEU A 397 31.65 12.13 -7.45
CA LEU A 397 31.61 11.43 -8.76
C LEU A 397 32.89 11.66 -9.54
N SER A 398 33.45 12.87 -9.48
CA SER A 398 34.68 13.15 -10.22
C SER A 398 35.82 12.46 -9.46
N VAL A 399 35.77 12.53 -8.12
CA VAL A 399 36.91 12.05 -7.35
C VAL A 399 37.10 10.56 -7.60
N SER A 400 36.01 9.77 -7.70
CA SER A 400 36.13 8.31 -7.75
C SER A 400 36.62 7.84 -9.11
N THR A 401 36.65 8.72 -10.10
CA THR A 401 37.15 8.25 -11.39
C THR A 401 38.57 7.69 -11.30
N PRO A 402 38.88 6.65 -12.09
CA PRO A 402 40.26 6.18 -12.18
C PRO A 402 41.26 7.28 -12.52
N GLU A 403 40.91 8.16 -13.44
CA GLU A 403 41.91 9.17 -13.78
C GLU A 403 42.15 10.10 -12.57
N HIS A 404 41.06 10.48 -11.87
CA HIS A 404 41.27 11.35 -10.72
C HIS A 404 42.09 10.64 -9.61
N LEU A 405 41.71 9.40 -9.28
CA LEU A 405 42.46 8.63 -8.29
C LEU A 405 43.93 8.57 -8.67
N HIS A 406 44.21 8.41 -9.97
CA HIS A 406 45.62 8.44 -10.38
C HIS A 406 46.28 9.76 -10.01
N LYS A 407 45.56 10.90 -10.19
CA LYS A 407 46.19 12.19 -9.96
C LYS A 407 46.48 12.37 -8.47
N ILE A 408 45.70 11.75 -7.58
CA ILE A 408 45.97 11.95 -6.16
C ILE A 408 46.81 10.80 -5.56
N GLY A 409 47.45 9.99 -6.39
CA GLY A 409 48.38 8.98 -5.89
C GLY A 409 47.72 7.70 -5.39
N LEU A 410 46.46 7.43 -5.75
CA LEU A 410 45.71 6.28 -5.23
C LEU A 410 45.56 5.15 -6.26
N LEU A 411 46.09 5.33 -7.47
CA LEU A 411 45.85 4.30 -8.45
C LEU A 411 46.96 4.48 -9.47
N ASP A 412 47.91 3.55 -9.46
CA ASP A 412 49.11 3.72 -10.29
C ASP A 412 48.87 3.34 -11.73
N ARG A 413 48.06 2.31 -11.97
CA ARG A 413 47.87 1.88 -13.35
C ARG A 413 46.71 2.72 -13.92
N VAL A 414 46.92 3.29 -15.12
CA VAL A 414 45.85 3.94 -15.85
C VAL A 414 45.45 2.99 -16.99
N THR A 415 44.16 2.82 -17.26
CA THR A 415 43.76 2.02 -18.41
C THR A 415 42.54 2.74 -19.00
N ASN A 416 42.34 2.64 -20.31
CA ASN A 416 41.09 3.17 -20.87
C ASN A 416 40.56 2.15 -21.87
N ASP A 417 39.86 1.11 -21.41
CA ASP A 417 39.37 0.07 -22.29
C ASP A 417 38.01 -0.38 -21.79
N THR A 418 37.33 -1.22 -22.58
CA THR A 418 35.95 -1.51 -22.25
C THR A 418 35.88 -2.29 -20.95
N GLU A 419 36.86 -3.17 -20.67
CA GLU A 419 36.67 -3.95 -19.45
C GLU A 419 36.84 -3.08 -18.22
N SER A 420 37.86 -2.18 -18.22
CA SER A 420 38.04 -1.29 -17.07
C SER A 420 36.82 -0.43 -16.87
N ASP A 421 36.17 -0.06 -17.97
CA ASP A 421 34.99 0.80 -17.83
C ASP A 421 33.82 0.04 -17.19
N ILE A 422 33.61 -1.21 -17.61
CA ILE A 422 32.58 -2.03 -16.97
C ILE A 422 32.89 -2.17 -15.46
N ASN A 423 34.14 -2.45 -15.10
CA ASN A 423 34.51 -2.59 -13.70
C ASN A 423 34.10 -1.33 -12.97
N TYR A 424 34.50 -0.16 -13.51
CA TYR A 424 34.20 1.08 -12.81
C TYR A 424 32.69 1.29 -12.71
N LEU A 425 31.98 1.10 -13.85
CA LEU A 425 30.54 1.39 -13.79
C LEU A 425 29.79 0.41 -12.87
N LEU A 426 30.29 -0.82 -12.78
CA LEU A 426 29.67 -1.79 -11.87
C LEU A 426 29.92 -1.34 -10.43
N LYS A 427 31.15 -0.91 -10.16
CA LYS A 427 31.42 -0.45 -8.80
C LYS A 427 30.50 0.73 -8.44
N MET A 428 30.39 1.73 -9.34
CA MET A 428 29.44 2.82 -9.14
C MET A 428 27.95 2.39 -9.01
N ALA A 429 27.51 1.41 -9.82
CA ALA A 429 26.18 0.84 -9.64
C ALA A 429 26.02 0.23 -8.23
N LEU A 430 27.05 -0.45 -7.69
CA LEU A 430 26.84 -1.02 -6.35
C LEU A 430 26.57 0.08 -5.31
N GLU A 431 27.14 1.27 -5.57
CA GLU A 431 27.00 2.40 -4.66
C GLU A 431 25.69 3.16 -4.95
N LYS A 432 25.37 3.37 -6.22
CA LYS A 432 24.34 4.34 -6.56
C LYS A 432 23.02 3.67 -6.95
N ILE A 433 23.07 2.63 -7.81
N ILE A 433 23.09 2.62 -7.79
CA ILE A 433 21.83 1.99 -8.25
CA ILE A 433 21.88 1.94 -8.24
C ILE A 433 21.27 1.10 -7.12
C ILE A 433 21.28 1.12 -7.10
N ALA A 434 22.13 0.38 -6.37
CA ALA A 434 21.61 -0.45 -5.29
C ALA A 434 20.88 0.39 -4.20
N PHE A 435 21.29 1.63 -3.98
CA PHE A 435 20.64 2.52 -2.99
C PHE A 435 19.20 2.90 -3.37
N LEU A 436 18.92 3.03 -4.67
CA LEU A 436 17.67 3.62 -5.15
C LEU A 436 16.41 3.08 -4.44
N PRO A 437 16.20 1.75 -4.45
CA PRO A 437 15.00 1.14 -3.85
C PRO A 437 14.98 1.54 -2.38
N PHE A 438 16.13 1.53 -1.72
CA PHE A 438 16.09 1.83 -0.27
C PHE A 438 15.76 3.29 -0.04
N GLY A 439 16.45 4.19 -0.78
CA GLY A 439 16.12 5.61 -0.73
C GLY A 439 14.65 5.89 -0.99
N TYR A 440 14.00 5.09 -1.86
CA TYR A 440 12.61 5.38 -2.17
C TYR A 440 11.70 4.84 -1.05
N LEU A 441 12.04 3.68 -0.48
CA LEU A 441 11.09 2.95 0.37
C LEU A 441 10.97 3.53 1.76
N VAL A 442 12.06 4.10 2.31
CA VAL A 442 12.06 4.47 3.72
C VAL A 442 10.93 5.44 4.06
N ASP A 443 10.75 6.52 3.29
CA ASP A 443 9.69 7.46 3.59
C ASP A 443 8.35 6.92 3.09
N GLN A 444 8.34 5.95 2.16
CA GLN A 444 7.00 5.35 1.93
C GLN A 444 6.52 4.66 3.21
N TRP A 445 7.46 4.00 3.91
CA TRP A 445 7.12 3.40 5.19
C TRP A 445 6.64 4.49 6.15
N ARG A 446 7.46 5.55 6.32
CA ARG A 446 7.10 6.53 7.33
C ARG A 446 5.88 7.38 6.98
N TRP A 447 5.66 7.65 5.69
CA TRP A 447 4.44 8.37 5.31
C TRP A 447 3.22 7.52 5.69
N GLY A 448 3.35 6.18 5.59
CA GLY A 448 2.21 5.34 5.97
C GLY A 448 2.00 5.35 7.49
N VAL A 449 3.11 5.41 8.24
CA VAL A 449 2.97 5.46 9.69
C VAL A 449 2.35 6.80 10.09
N PHE A 450 2.81 7.93 9.51
CA PHE A 450 2.25 9.23 9.88
C PHE A 450 0.79 9.32 9.45
N SER A 451 0.41 8.72 8.33
CA SER A 451 -0.97 8.89 7.93
C SER A 451 -1.87 7.90 8.68
N GLY A 452 -1.28 6.96 9.44
CA GLY A 452 -2.09 5.97 10.16
C GLY A 452 -2.43 4.73 9.31
N ARG A 453 -2.06 4.67 8.04
CA ARG A 453 -2.17 3.42 7.27
C ARG A 453 -1.36 2.26 7.88
N THR A 454 -0.19 2.55 8.45
CA THR A 454 0.60 1.59 9.21
C THR A 454 0.50 1.92 10.71
N PRO A 455 -0.40 1.25 11.47
CA PRO A 455 -0.46 1.39 12.92
C PRO A 455 0.68 0.61 13.54
N PRO A 456 0.98 0.84 14.83
CA PRO A 456 2.01 0.03 15.51
C PRO A 456 1.94 -1.48 15.32
N SER A 457 0.72 -2.05 15.23
CA SER A 457 0.56 -3.49 15.04
C SER A 457 1.10 -4.00 13.69
N ARG A 458 1.45 -3.08 12.78
CA ARG A 458 1.98 -3.51 11.48
C ARG A 458 3.29 -2.81 11.16
N TYR A 459 3.98 -2.21 12.14
CA TYR A 459 5.19 -1.48 11.75
C TYR A 459 6.22 -2.41 11.06
N ASN A 460 6.46 -3.62 11.62
CA ASN A 460 7.50 -4.48 11.01
C ASN A 460 6.99 -5.23 9.79
N PHE A 461 5.70 -5.62 9.81
CA PHE A 461 5.06 -6.26 8.67
C PHE A 461 5.15 -5.35 7.43
N ASP A 462 4.84 -4.06 7.60
CA ASP A 462 4.87 -3.11 6.50
C ASP A 462 6.29 -2.77 6.07
N TRP A 463 7.21 -2.73 7.04
CA TRP A 463 8.61 -2.47 6.73
C TRP A 463 9.16 -3.58 5.87
N TRP A 464 8.91 -4.84 6.26
CA TRP A 464 9.46 -5.93 5.46
C TRP A 464 8.71 -6.14 4.14
N TYR A 465 7.45 -5.72 4.09
CA TYR A 465 6.69 -5.77 2.84
C TYR A 465 7.45 -4.90 1.81
N LEU A 466 7.83 -3.70 2.25
CA LEU A 466 8.48 -2.71 1.41
C LEU A 466 9.93 -3.13 1.11
N ARG A 467 10.68 -3.62 2.10
CA ARG A 467 12.04 -4.07 1.86
C ARG A 467 12.06 -5.17 0.79
N THR A 468 11.11 -6.12 0.86
CA THR A 468 11.05 -7.18 -0.13
C THR A 468 10.64 -6.60 -1.48
N LYS A 469 9.51 -5.84 -1.47
CA LYS A 469 8.92 -5.29 -2.69
C LYS A 469 9.97 -4.56 -3.53
N TYR A 470 10.73 -3.63 -2.91
CA TYR A 470 11.65 -2.74 -3.62
C TYR A 470 13.06 -3.32 -3.69
N GLN A 471 13.61 -3.71 -2.54
CA GLN A 471 15.00 -4.16 -2.50
C GLN A 471 15.13 -5.64 -2.88
N GLY A 472 14.08 -6.48 -2.73
CA GLY A 472 14.27 -7.90 -3.04
C GLY A 472 15.25 -8.56 -2.05
N ILE A 473 15.12 -8.20 -0.76
CA ILE A 473 15.89 -8.83 0.30
C ILE A 473 14.89 -9.39 1.31
N CYS A 474 15.38 -10.26 2.21
CA CYS A 474 14.52 -10.88 3.21
C CYS A 474 15.34 -10.89 4.50
N PRO A 475 14.71 -10.86 5.70
CA PRO A 475 15.47 -10.95 6.93
C PRO A 475 16.06 -12.35 7.10
N PRO A 476 17.34 -12.43 7.56
CA PRO A 476 17.98 -13.73 7.73
C PRO A 476 17.58 -14.53 8.96
N VAL A 477 16.74 -13.94 9.86
CA VAL A 477 16.12 -14.66 10.97
C VAL A 477 14.63 -14.24 11.01
N THR A 478 13.77 -15.05 11.63
CA THR A 478 12.35 -14.69 11.69
C THR A 478 12.18 -13.37 12.44
N ARG A 479 11.26 -12.50 11.98
CA ARG A 479 10.95 -11.28 12.75
C ARG A 479 9.46 -11.31 13.08
N ASN A 480 9.07 -10.60 14.13
CA ASN A 480 7.67 -10.45 14.44
C ASN A 480 7.41 -9.01 14.88
N GLU A 481 6.20 -8.69 15.37
CA GLU A 481 5.92 -7.30 15.69
C GLU A 481 6.55 -6.81 17.01
N THR A 482 7.21 -7.67 17.76
CA THR A 482 8.09 -7.16 18.81
C THR A 482 9.31 -6.48 18.24
N HIS A 483 9.81 -6.96 17.09
CA HIS A 483 10.88 -6.26 16.39
C HIS A 483 10.41 -4.96 15.74
N PHE A 484 11.36 -4.04 15.60
CA PHE A 484 11.08 -2.74 15.03
C PHE A 484 12.29 -2.39 14.19
N ASP A 485 12.39 -3.11 13.07
CA ASP A 485 13.58 -3.07 12.23
C ASP A 485 13.82 -1.72 11.60
N ALA A 486 12.74 -0.97 11.28
CA ALA A 486 12.86 0.41 10.85
C ALA A 486 13.63 1.25 11.87
N GLY A 487 13.47 1.00 13.15
CA GLY A 487 14.12 1.80 14.20
C GLY A 487 15.64 1.58 14.25
N ALA A 488 16.12 0.48 13.64
CA ALA A 488 17.55 0.21 13.58
C ALA A 488 18.29 1.04 12.53
N LYS A 489 17.62 1.93 11.81
CA LYS A 489 18.31 2.81 10.88
C LYS A 489 18.31 4.22 11.48
N PHE A 490 19.46 4.90 11.53
CA PHE A 490 19.66 6.20 12.16
C PHE A 490 18.52 7.21 11.97
N HIS A 491 18.08 7.43 10.74
CA HIS A 491 17.22 8.55 10.47
C HIS A 491 15.79 8.37 11.05
N VAL A 492 15.42 7.14 11.43
CA VAL A 492 14.12 6.85 12.04
C VAL A 492 14.01 7.45 13.45
N PRO A 493 14.80 6.95 14.42
CA PRO A 493 14.82 7.53 15.76
C PRO A 493 15.27 8.99 15.78
N ASN A 494 16.11 9.38 14.79
CA ASN A 494 16.65 10.73 14.76
C ASN A 494 15.73 11.66 13.99
N VAL A 495 14.64 11.12 13.47
CA VAL A 495 13.62 11.97 12.87
C VAL A 495 14.20 12.81 11.73
N THR A 496 14.99 12.19 10.83
CA THR A 496 15.52 12.94 9.68
C THR A 496 14.79 12.38 8.45
N PRO A 497 14.11 13.18 7.60
CA PRO A 497 13.40 12.62 6.43
C PRO A 497 14.40 12.01 5.45
N TYR A 498 13.90 11.07 4.62
CA TYR A 498 14.73 10.17 3.81
C TYR A 498 14.57 10.43 2.33
N ILE A 499 13.38 10.92 1.90
CA ILE A 499 13.14 10.98 0.47
C ILE A 499 14.20 11.86 -0.21
N ARG A 500 14.74 12.84 0.51
CA ARG A 500 15.80 13.68 -0.03
C ARG A 500 16.96 12.87 -0.63
N TYR A 501 17.26 11.68 -0.12
CA TYR A 501 18.41 10.92 -0.67
C TYR A 501 18.08 10.24 -1.99
N PHE A 502 16.84 9.80 -2.12
CA PHE A 502 16.29 9.38 -3.39
C PHE A 502 16.41 10.49 -4.42
N VAL A 503 15.93 11.67 -4.07
CA VAL A 503 15.97 12.83 -4.94
C VAL A 503 17.45 13.13 -5.29
N SER A 504 18.30 13.12 -4.26
CA SER A 504 19.66 13.53 -4.57
C SER A 504 20.37 12.49 -5.44
N PHE A 505 20.07 11.19 -5.34
CA PHE A 505 20.74 10.16 -6.18
C PHE A 505 20.42 10.34 -7.67
N VAL A 506 19.26 10.91 -7.95
CA VAL A 506 18.85 11.23 -9.30
C VAL A 506 19.46 12.56 -9.69
N LEU A 507 19.25 13.55 -8.81
CA LEU A 507 19.67 14.89 -9.15
C LEU A 507 21.20 14.95 -9.32
N GLN A 508 21.98 14.16 -8.57
CA GLN A 508 23.42 14.40 -8.70
C GLN A 508 23.92 14.11 -10.11
N PHE A 509 23.23 13.21 -10.85
CA PHE A 509 23.67 12.93 -12.21
C PHE A 509 23.24 14.07 -13.12
N GLN A 510 22.12 14.76 -12.80
CA GLN A 510 21.78 15.93 -13.61
C GLN A 510 22.82 17.02 -13.39
N PHE A 511 23.23 17.21 -12.13
CA PHE A 511 24.23 18.25 -11.87
C PHE A 511 25.55 17.89 -12.57
N HIS A 512 25.96 16.62 -12.43
CA HIS A 512 27.22 16.14 -12.99
C HIS A 512 27.24 16.44 -14.48
N GLU A 513 26.16 16.03 -15.17
CA GLU A 513 26.09 16.26 -16.58
C GLU A 513 26.28 17.74 -16.91
N ALA A 514 25.57 18.61 -16.18
CA ALA A 514 25.68 20.04 -16.46
C ALA A 514 27.08 20.59 -16.15
N LEU A 515 27.72 20.17 -15.03
CA LEU A 515 29.01 20.75 -14.68
C LEU A 515 30.11 20.25 -15.63
N CYS A 516 30.01 19.00 -16.04
CA CYS A 516 30.88 18.43 -17.09
C CYS A 516 30.78 19.24 -18.38
N LYS A 517 29.54 19.58 -18.75
CA LYS A 517 29.39 20.33 -19.99
C LYS A 517 30.01 21.73 -19.81
N GLU A 518 29.76 22.34 -18.65
CA GLU A 518 30.25 23.69 -18.42
C GLU A 518 31.78 23.66 -18.38
N ALA A 519 32.35 22.56 -17.88
CA ALA A 519 33.78 22.39 -17.76
C ALA A 519 34.43 22.29 -19.15
N GLY A 520 33.63 22.18 -20.21
CA GLY A 520 34.18 21.98 -21.54
C GLY A 520 34.58 20.53 -21.82
N TYR A 521 34.17 19.60 -20.96
CA TYR A 521 34.53 18.21 -21.11
C TYR A 521 33.71 17.52 -22.22
N GLU A 522 34.40 16.70 -23.03
CA GLU A 522 33.78 16.19 -24.25
C GLU A 522 33.85 14.67 -24.43
N GLY A 523 34.11 13.89 -23.38
CA GLY A 523 34.07 12.44 -23.56
C GLY A 523 32.90 11.81 -22.82
N PRO A 524 33.00 10.49 -22.54
CA PRO A 524 31.92 9.75 -21.88
C PRO A 524 31.61 10.42 -20.53
N LEU A 525 30.34 10.46 -20.17
CA LEU A 525 29.95 11.21 -18.97
C LEU A 525 30.58 10.60 -17.71
N HIS A 526 30.77 9.28 -17.68
CA HIS A 526 31.31 8.61 -16.51
C HIS A 526 32.83 8.78 -16.36
N GLN A 527 33.53 9.43 -17.32
CA GLN A 527 34.96 9.60 -17.19
C GLN A 527 35.24 11.08 -16.93
N CYS A 528 34.21 11.87 -16.68
CA CYS A 528 34.45 13.30 -16.55
C CYS A 528 34.99 13.56 -15.12
N ASP A 529 36.00 14.43 -15.02
CA ASP A 529 36.50 14.91 -13.74
C ASP A 529 36.50 16.44 -13.82
N ILE A 530 35.69 17.12 -12.94
CA ILE A 530 35.60 18.57 -12.99
C ILE A 530 36.71 19.24 -12.18
N TYR A 531 37.59 18.42 -11.56
CA TYR A 531 38.74 18.96 -10.80
C TYR A 531 39.38 20.14 -11.52
N ARG A 532 39.62 21.24 -10.80
CA ARG A 532 40.31 22.43 -11.29
C ARG A 532 39.50 23.23 -12.34
N SER A 533 38.23 22.88 -12.58
CA SER A 533 37.37 23.68 -13.46
C SER A 533 36.75 24.86 -12.72
N THR A 534 37.32 26.06 -12.92
CA THR A 534 36.74 27.23 -12.26
C THR A 534 35.40 27.63 -12.90
N LYS A 535 35.18 27.29 -14.18
CA LYS A 535 33.86 27.48 -14.80
C LYS A 535 32.79 26.62 -14.11
N ALA A 536 33.09 25.30 -13.93
CA ALA A 536 32.16 24.42 -13.22
C ALA A 536 31.89 24.97 -11.83
N GLY A 537 32.96 25.50 -11.20
CA GLY A 537 32.80 25.99 -9.84
C GLY A 537 31.83 27.18 -9.74
N ALA A 538 31.91 28.12 -10.67
CA ALA A 538 31.05 29.30 -10.75
C ALA A 538 29.58 28.87 -10.94
N LYS A 539 29.36 27.86 -11.76
CA LYS A 539 28.00 27.38 -11.95
C LYS A 539 27.46 26.75 -10.67
N LEU A 540 28.23 25.88 -10.00
CA LEU A 540 27.81 25.35 -8.73
C LEU A 540 27.57 26.45 -7.68
N ARG A 541 28.45 27.45 -7.68
N ARG A 541 28.42 27.48 -7.69
CA ARG A 541 28.35 28.50 -6.69
CA ARG A 541 28.37 28.54 -6.70
C ARG A 541 26.96 29.14 -6.76
C ARG A 541 27.06 29.31 -6.79
N LYS A 542 26.52 29.44 -7.99
CA LYS A 542 25.24 30.13 -8.16
C LYS A 542 24.11 29.35 -7.48
N VAL A 543 24.18 28.01 -7.53
CA VAL A 543 23.21 27.20 -6.84
C VAL A 543 23.38 27.42 -5.34
N LEU A 544 24.62 27.25 -4.85
CA LEU A 544 24.83 27.25 -3.41
C LEU A 544 24.38 28.59 -2.80
N ARG A 545 24.70 29.68 -3.47
CA ARG A 545 24.40 31.03 -3.01
C ARG A 545 22.89 31.29 -2.91
N ALA A 546 22.05 30.55 -3.64
CA ALA A 546 20.61 30.82 -3.66
C ALA A 546 19.95 30.35 -2.36
N GLY A 547 20.51 29.38 -1.64
CA GLY A 547 19.79 28.80 -0.52
C GLY A 547 18.38 28.41 -0.98
N SER A 548 17.35 28.73 -0.16
CA SER A 548 15.96 28.42 -0.46
C SER A 548 15.26 29.72 -0.78
N SER A 549 16.04 30.67 -1.28
CA SER A 549 15.47 31.97 -1.58
C SER A 549 14.58 31.93 -2.83
N ARG A 550 14.79 30.94 -3.73
CA ARG A 550 14.04 30.87 -4.99
C ARG A 550 13.51 29.46 -5.23
N PRO A 551 12.38 29.28 -5.96
CA PRO A 551 11.79 27.94 -6.14
C PRO A 551 12.83 26.97 -6.71
N TRP A 552 12.90 25.75 -6.17
CA TRP A 552 13.96 24.84 -6.62
C TRP A 552 13.84 24.55 -8.12
N GLN A 553 12.60 24.57 -8.66
CA GLN A 553 12.41 24.27 -10.08
C GLN A 553 13.14 25.27 -10.98
N GLU A 554 13.15 26.56 -10.59
CA GLU A 554 13.85 27.60 -11.34
C GLU A 554 15.38 27.58 -11.12
N VAL A 555 15.84 27.31 -9.88
CA VAL A 555 17.26 27.10 -9.68
C VAL A 555 17.79 25.94 -10.55
N LEU A 556 17.09 24.80 -10.55
CA LEU A 556 17.41 23.64 -11.39
C LEU A 556 17.49 24.02 -12.87
N LYS A 557 16.45 24.73 -13.34
CA LYS A 557 16.41 25.13 -14.74
C LYS A 557 17.60 26.03 -15.12
N ASP A 558 17.96 26.99 -14.28
CA ASP A 558 19.14 27.82 -14.55
C ASP A 558 20.39 26.94 -14.61
N MET A 559 20.45 25.90 -13.78
CA MET A 559 21.66 25.11 -13.67
C MET A 559 21.78 24.12 -14.84
N VAL A 560 20.69 23.40 -15.13
CA VAL A 560 20.76 22.21 -15.96
C VAL A 560 19.87 22.40 -17.18
N GLY A 561 19.06 23.46 -17.20
CA GLY A 561 18.25 23.76 -18.37
C GLY A 561 16.95 22.95 -18.42
N LEU A 562 16.58 22.32 -17.31
CA LEU A 562 15.32 21.63 -17.22
C LEU A 562 14.75 21.95 -15.84
N ASP A 563 13.42 22.00 -15.73
CA ASP A 563 12.86 22.44 -14.44
C ASP A 563 12.29 21.28 -13.61
N ALA A 564 12.81 20.05 -13.76
CA ALA A 564 12.27 18.86 -13.11
C ALA A 564 13.38 17.84 -12.89
N LEU A 565 13.17 16.96 -11.90
CA LEU A 565 14.00 15.77 -11.77
C LEU A 565 13.85 14.94 -13.03
N ASP A 566 14.95 14.32 -13.48
CA ASP A 566 14.92 13.58 -14.73
C ASP A 566 15.95 12.46 -14.59
N ALA A 567 15.53 11.21 -14.84
CA ALA A 567 16.40 10.04 -14.79
C ALA A 567 17.36 9.95 -15.99
N GLN A 568 17.15 10.69 -17.08
CA GLN A 568 18.01 10.56 -18.28
C GLN A 568 19.51 10.67 -17.97
N PRO A 569 19.99 11.67 -17.21
CA PRO A 569 21.44 11.73 -16.96
C PRO A 569 22.00 10.49 -16.27
N LEU A 570 21.26 9.99 -15.26
CA LEU A 570 21.72 8.77 -14.59
C LEU A 570 21.74 7.59 -15.58
N LEU A 571 20.69 7.44 -16.43
CA LEU A 571 20.69 6.35 -17.43
C LEU A 571 21.88 6.44 -18.40
N LYS A 572 22.14 7.65 -18.85
CA LYS A 572 23.24 7.93 -19.75
C LYS A 572 24.58 7.54 -19.10
N TYR A 573 24.73 7.90 -17.83
CA TYR A 573 26.01 7.61 -17.15
C TYR A 573 26.25 6.10 -17.11
N PHE A 574 25.20 5.34 -16.82
CA PHE A 574 25.29 3.92 -16.56
C PHE A 574 25.07 3.06 -17.83
N GLN A 575 24.78 3.66 -18.99
CA GLN A 575 24.32 2.94 -20.15
C GLN A 575 25.16 1.69 -20.54
N LEU A 576 26.50 1.81 -20.52
CA LEU A 576 27.38 0.65 -20.89
C LEU A 576 27.20 -0.56 -19.95
N VAL A 577 27.12 -0.32 -18.62
CA VAL A 577 26.95 -1.44 -17.71
C VAL A 577 25.47 -1.89 -17.66
N THR A 578 24.49 -0.99 -17.89
CA THR A 578 23.11 -1.41 -18.00
C THR A 578 23.00 -2.49 -19.08
N GLN A 579 23.56 -2.19 -20.23
CA GLN A 579 23.51 -3.12 -21.35
C GLN A 579 24.33 -4.39 -21.02
N TRP A 580 25.50 -4.26 -20.40
CA TRP A 580 26.32 -5.45 -20.13
C TRP A 580 25.63 -6.39 -19.14
N LEU A 581 25.02 -5.84 -18.05
CA LEU A 581 24.37 -6.65 -17.05
C LEU A 581 23.16 -7.39 -17.63
N GLN A 582 22.38 -6.73 -18.50
CA GLN A 582 21.22 -7.37 -19.11
C GLN A 582 21.70 -8.53 -19.99
N GLU A 583 22.76 -8.29 -20.75
CA GLU A 583 23.28 -9.37 -21.61
C GLU A 583 23.87 -10.51 -20.76
N GLN A 584 24.60 -10.20 -19.69
CA GLN A 584 25.11 -11.26 -18.84
C GLN A 584 23.98 -12.04 -18.16
N ASN A 585 22.95 -11.36 -17.65
CA ASN A 585 21.95 -12.09 -16.91
C ASN A 585 21.22 -13.04 -17.87
N GLN A 586 21.02 -12.60 -19.13
CA GLN A 586 20.41 -13.42 -20.16
C GLN A 586 21.24 -14.67 -20.46
N GLN A 587 22.52 -14.46 -20.74
CA GLN A 587 23.36 -15.60 -21.06
C GLN A 587 23.37 -16.58 -19.89
N ASN A 588 23.25 -16.05 -18.67
CA ASN A 588 23.36 -16.96 -17.55
C ASN A 588 22.00 -17.58 -17.25
N GLY A 589 20.93 -17.16 -17.94
CA GLY A 589 19.58 -17.66 -17.69
C GLY A 589 19.00 -17.22 -16.35
N GLU A 590 19.27 -15.98 -15.95
CA GLU A 590 18.81 -15.55 -14.65
C GLU A 590 17.31 -15.28 -14.67
N VAL A 591 16.68 -15.40 -13.51
CA VAL A 591 15.34 -14.86 -13.37
C VAL A 591 15.46 -13.44 -12.80
N LEU A 592 14.86 -12.46 -13.48
CA LEU A 592 14.93 -11.12 -12.91
C LEU A 592 13.84 -11.07 -11.85
N GLY A 593 14.14 -10.44 -10.70
CA GLY A 593 13.13 -10.39 -9.65
C GLY A 593 13.21 -11.61 -8.73
N TRP A 594 12.27 -11.68 -7.79
CA TRP A 594 12.34 -12.69 -6.74
C TRP A 594 10.97 -13.34 -6.59
N PRO A 595 10.54 -14.20 -7.56
CA PRO A 595 9.20 -14.81 -7.52
C PRO A 595 8.93 -15.71 -6.31
N GLU A 596 9.99 -16.23 -5.68
CA GLU A 596 9.81 -16.98 -4.43
C GLU A 596 9.85 -16.02 -3.26
N TYR A 597 8.90 -15.11 -3.22
CA TYR A 597 8.86 -13.98 -2.32
C TYR A 597 8.76 -14.42 -0.85
N GLN A 598 8.31 -15.63 -0.58
CA GLN A 598 8.12 -16.07 0.78
C GLN A 598 9.40 -16.72 1.30
N TRP A 599 10.44 -16.87 0.48
CA TRP A 599 11.58 -17.67 0.92
C TRP A 599 12.42 -16.88 1.93
N HIS A 600 12.91 -17.59 2.96
CA HIS A 600 13.92 -17.04 3.86
C HIS A 600 15.00 -18.09 4.07
N PRO A 601 16.27 -17.71 4.36
CA PRO A 601 17.34 -18.74 4.47
C PRO A 601 17.18 -19.52 5.78
N PRO A 602 17.66 -20.76 5.93
CA PRO A 602 17.62 -21.43 7.24
C PRO A 602 18.68 -20.80 8.16
N LEU A 603 18.64 -21.13 9.45
CA LEU A 603 19.70 -20.76 10.38
C LEU A 603 20.93 -21.65 10.14
N PRO A 604 22.16 -21.13 10.33
CA PRO A 604 23.35 -21.99 10.47
C PRO A 604 23.21 -23.09 11.52
N ASP A 605 23.73 -24.31 11.26
CA ASP A 605 23.66 -25.36 12.28
C ASP A 605 24.36 -24.86 13.54
N ASN A 606 23.70 -25.00 14.69
CA ASN A 606 24.26 -24.52 15.95
C ASN A 606 24.68 -23.05 15.83
N TYR A 607 23.71 -22.19 15.54
CA TYR A 607 23.87 -20.76 15.72
C TYR A 607 23.13 -20.42 17.01
N PRO A 608 23.58 -19.44 17.83
CA PRO A 608 24.88 -18.77 17.66
C PRO A 608 26.11 -19.23 18.45
N GLU A 609 26.24 -20.53 18.72
CA GLU A 609 27.15 -21.01 19.77
C GLU A 609 28.64 -20.92 19.40
N ASP B 2 -27.55 -4.07 -37.49
CA ASP B 2 -28.95 -3.85 -37.92
C ASP B 2 -29.29 -2.36 -38.00
N PRO B 3 -29.81 -1.94 -39.17
CA PRO B 3 -30.36 -0.60 -39.40
C PRO B 3 -31.33 -0.04 -38.34
N GLY B 4 -32.38 -0.80 -38.00
CA GLY B 4 -33.35 -0.48 -36.96
C GLY B 4 -32.74 -0.41 -35.56
N LEU B 5 -31.47 -0.82 -35.41
CA LEU B 5 -30.72 -0.71 -34.17
C LEU B 5 -29.85 0.56 -34.14
N GLN B 6 -29.46 1.01 -35.35
CA GLN B 6 -28.55 2.14 -35.54
C GLN B 6 -29.31 3.43 -35.32
N PRO B 7 -28.66 4.46 -34.72
CA PRO B 7 -29.37 5.59 -34.10
C PRO B 7 -30.06 6.60 -35.01
N GLY B 8 -31.09 7.27 -34.49
CA GLY B 8 -31.83 8.19 -35.34
C GLY B 8 -31.11 9.53 -35.38
N GLN B 9 -31.68 10.48 -36.11
CA GLN B 9 -31.23 11.84 -35.85
C GLN B 9 -32.12 12.33 -34.60
N PHE B 10 -31.42 13.49 -34.10
CA PHE B 10 -32.01 14.27 -33.03
C PHE B 10 -31.24 15.56 -32.83
N SER B 11 -31.99 16.61 -32.42
CA SER B 11 -31.45 17.92 -32.10
C SER B 11 -30.61 17.89 -30.81
N ALA B 12 -29.78 18.94 -30.71
CA ALA B 12 -28.79 19.11 -29.65
C ALA B 12 -29.36 20.11 -28.62
N ASP B 13 -30.02 19.42 -27.57
CA ASP B 13 -30.79 20.19 -26.58
C ASP B 13 -31.53 19.18 -25.72
N GLU B 14 -32.17 19.69 -24.66
CA GLU B 14 -32.67 18.85 -23.57
C GLU B 14 -33.85 17.99 -24.03
N ALA B 15 -34.68 18.59 -24.88
CA ALA B 15 -35.86 18.01 -25.51
C ALA B 15 -35.39 16.79 -26.36
N GLY B 16 -34.62 17.22 -27.47
CA GLY B 16 -33.97 16.27 -28.35
C GLY B 16 -33.44 15.11 -27.53
N ALA B 17 -32.64 15.42 -26.50
CA ALA B 17 -32.05 14.38 -25.66
C ALA B 17 -33.12 13.55 -24.92
N GLN B 18 -34.30 14.13 -24.67
CA GLN B 18 -35.39 13.40 -24.02
C GLN B 18 -35.91 12.29 -24.94
N LEU B 19 -35.97 12.62 -26.25
CA LEU B 19 -36.44 11.70 -27.29
C LEU B 19 -35.34 10.65 -27.53
N PHE B 20 -34.07 11.10 -27.52
CA PHE B 20 -32.89 10.30 -27.81
C PHE B 20 -32.87 9.09 -26.89
N ALA B 21 -32.87 9.36 -25.57
CA ALA B 21 -32.92 8.36 -24.53
C ALA B 21 -34.06 7.37 -24.76
N GLN B 22 -35.26 7.83 -25.11
CA GLN B 22 -36.36 6.89 -25.33
C GLN B 22 -36.04 6.00 -26.53
N SER B 23 -35.45 6.59 -27.55
CA SER B 23 -34.98 5.84 -28.70
C SER B 23 -33.86 4.88 -28.30
N TYR B 24 -33.02 5.26 -27.33
CA TYR B 24 -31.88 4.42 -26.98
C TYR B 24 -32.36 3.11 -26.36
N GLN B 25 -33.17 3.27 -25.31
CA GLN B 25 -33.65 2.23 -24.42
C GLN B 25 -34.58 1.28 -25.16
N SER B 26 -34.86 1.65 -26.41
CA SER B 26 -35.82 0.96 -27.25
C SER B 26 -35.13 -0.23 -27.90
N SER B 27 -33.89 0.00 -28.34
CA SER B 27 -33.27 -0.98 -29.21
C SER B 27 -32.30 -1.79 -28.35
N ALA B 28 -31.92 -1.14 -27.25
CA ALA B 28 -31.04 -1.74 -26.26
C ALA B 28 -31.71 -2.96 -25.62
N GLU B 29 -33.02 -2.87 -25.33
CA GLU B 29 -33.81 -3.99 -24.82
C GLU B 29 -33.57 -5.26 -25.64
N GLN B 30 -33.51 -5.12 -26.97
CA GLN B 30 -33.37 -6.24 -27.89
C GLN B 30 -31.94 -6.79 -27.86
N VAL B 31 -30.98 -5.87 -27.68
CA VAL B 31 -29.56 -6.22 -27.76
C VAL B 31 -29.16 -6.92 -26.45
N LEU B 32 -29.51 -6.29 -25.32
CA LEU B 32 -29.27 -6.87 -24.00
C LEU B 32 -29.89 -8.27 -23.92
N PHE B 33 -31.14 -8.41 -24.35
CA PHE B 33 -31.80 -9.70 -24.47
C PHE B 33 -30.89 -10.73 -25.14
N GLN B 34 -30.31 -10.46 -26.31
CA GLN B 34 -29.57 -11.47 -27.07
C GLN B 34 -28.21 -11.82 -26.40
N SER B 35 -27.59 -10.85 -25.71
CA SER B 35 -26.44 -11.18 -24.87
C SER B 35 -26.90 -12.07 -23.72
N VAL B 36 -27.89 -11.61 -22.94
CA VAL B 36 -28.10 -12.32 -21.68
C VAL B 36 -28.44 -13.75 -22.09
N ALA B 37 -29.26 -13.89 -23.13
CA ALA B 37 -29.69 -15.18 -23.67
C ALA B 37 -28.51 -16.12 -23.98
N ALA B 38 -27.46 -15.62 -24.64
CA ALA B 38 -26.35 -16.49 -25.03
C ALA B 38 -25.42 -16.85 -23.85
N SER B 39 -25.19 -15.94 -22.91
CA SER B 39 -24.37 -16.32 -21.75
C SER B 39 -25.07 -17.47 -20.99
N TRP B 40 -26.42 -17.42 -21.00
CA TRP B 40 -27.22 -18.42 -20.30
C TRP B 40 -26.96 -19.81 -20.87
N ALA B 41 -27.10 -19.94 -22.21
CA ALA B 41 -26.84 -21.17 -22.93
C ALA B 41 -25.49 -21.77 -22.57
N HIS B 42 -24.46 -20.91 -22.48
CA HIS B 42 -23.11 -21.34 -22.13
C HIS B 42 -23.00 -21.70 -20.65
N ASP B 43 -23.47 -20.81 -19.76
CA ASP B 43 -23.27 -21.03 -18.32
C ASP B 43 -23.93 -22.34 -17.86
N THR B 44 -25.00 -22.80 -18.56
CA THR B 44 -25.70 -24.00 -18.11
C THR B 44 -25.29 -25.18 -19.00
N ASN B 45 -24.23 -24.99 -19.81
CA ASN B 45 -23.85 -25.95 -20.83
C ASN B 45 -22.56 -25.47 -21.50
N ILE B 46 -21.43 -25.63 -20.78
CA ILE B 46 -20.14 -25.11 -21.20
C ILE B 46 -19.55 -25.97 -22.33
N THR B 47 -19.55 -25.41 -23.55
CA THR B 47 -18.87 -25.95 -24.73
C THR B 47 -18.29 -24.84 -25.59
N ALA B 48 -17.35 -25.26 -26.46
CA ALA B 48 -16.75 -24.47 -27.53
C ALA B 48 -17.81 -23.66 -28.26
N GLU B 49 -18.91 -24.34 -28.65
CA GLU B 49 -19.96 -23.74 -29.46
C GLU B 49 -20.67 -22.63 -28.72
N ASN B 50 -21.09 -22.97 -27.51
CA ASN B 50 -21.76 -22.02 -26.64
C ASN B 50 -20.86 -20.81 -26.48
N ALA B 51 -19.56 -21.04 -26.26
CA ALA B 51 -18.57 -19.96 -26.20
C ALA B 51 -18.57 -19.06 -27.45
N ARG B 52 -18.53 -19.72 -28.62
CA ARG B 52 -18.53 -19.00 -29.89
C ARG B 52 -19.74 -18.05 -29.96
N ARG B 53 -20.93 -18.60 -29.63
CA ARG B 53 -22.19 -17.88 -29.72
C ARG B 53 -22.14 -16.67 -28.79
N GLN B 54 -21.62 -16.94 -27.60
CA GLN B 54 -21.52 -15.94 -26.57
C GLN B 54 -20.68 -14.76 -27.10
N GLU B 55 -19.52 -15.05 -27.66
CA GLU B 55 -18.66 -14.05 -28.30
C GLU B 55 -19.36 -13.24 -29.43
N GLU B 56 -20.13 -13.94 -30.31
CA GLU B 56 -20.89 -13.29 -31.35
C GLU B 56 -21.76 -12.18 -30.77
N ALA B 57 -22.42 -12.49 -29.60
CA ALA B 57 -23.41 -11.62 -28.98
C ALA B 57 -22.70 -10.43 -28.36
N ALA B 58 -21.52 -10.72 -27.80
CA ALA B 58 -20.72 -9.72 -27.11
C ALA B 58 -20.28 -8.65 -28.10
N LEU B 59 -19.83 -9.08 -29.27
CA LEU B 59 -19.55 -8.22 -30.42
C LEU B 59 -20.72 -7.32 -30.88
N LEU B 60 -21.93 -7.91 -31.00
CA LEU B 60 -23.11 -7.15 -31.40
C LEU B 60 -23.40 -6.04 -30.37
N SER B 61 -23.16 -6.36 -29.07
CA SER B 61 -23.37 -5.38 -28.01
C SER B 61 -22.42 -4.21 -28.18
N GLN B 62 -21.16 -4.55 -28.42
CA GLN B 62 -20.17 -3.47 -28.56
C GLN B 62 -20.56 -2.57 -29.76
N GLU B 63 -21.03 -3.19 -30.84
CA GLU B 63 -21.36 -2.42 -32.03
C GLU B 63 -22.47 -1.41 -31.71
N PHE B 64 -23.51 -1.89 -31.03
CA PHE B 64 -24.60 -1.07 -30.52
C PHE B 64 -24.04 0.06 -29.66
N ALA B 65 -23.23 -0.29 -28.64
CA ALA B 65 -22.68 0.67 -27.70
C ALA B 65 -21.83 1.71 -28.44
N GLU B 66 -20.99 1.25 -29.38
CA GLU B 66 -20.21 2.15 -30.20
C GLU B 66 -21.13 3.17 -30.91
N ALA B 67 -22.08 2.66 -31.70
CA ALA B 67 -22.97 3.49 -32.51
C ALA B 67 -23.68 4.54 -31.65
N TRP B 68 -24.26 4.13 -30.51
CA TRP B 68 -25.09 4.98 -29.69
C TRP B 68 -24.27 5.95 -28.83
N GLY B 69 -23.12 5.47 -28.31
CA GLY B 69 -22.20 6.34 -27.59
C GLY B 69 -21.56 7.42 -28.46
N GLN B 70 -21.12 7.02 -29.65
CA GLN B 70 -20.57 7.98 -30.60
C GLN B 70 -21.61 9.04 -30.98
N LYS B 71 -22.87 8.62 -31.05
CA LYS B 71 -23.91 9.55 -31.43
C LYS B 71 -24.14 10.54 -30.29
N ALA B 72 -24.05 10.04 -29.03
CA ALA B 72 -24.35 10.86 -27.86
C ALA B 72 -23.24 11.90 -27.65
N LYS B 73 -22.01 11.50 -27.99
CA LYS B 73 -20.90 12.43 -28.05
C LYS B 73 -21.20 13.52 -29.07
N GLU B 74 -21.49 13.13 -30.31
CA GLU B 74 -21.81 14.08 -31.36
C GLU B 74 -22.85 15.08 -30.88
N LEU B 75 -23.94 14.59 -30.30
CA LEU B 75 -25.10 15.44 -30.06
C LEU B 75 -24.95 16.22 -28.76
N TYR B 76 -24.52 15.55 -27.69
CA TYR B 76 -24.79 16.03 -26.35
C TYR B 76 -23.50 16.34 -25.57
N GLU B 77 -22.35 15.83 -26.02
CA GLU B 77 -21.08 15.98 -25.32
C GLU B 77 -20.92 17.43 -24.86
N PRO B 78 -21.18 18.46 -25.71
CA PRO B 78 -21.25 19.84 -25.25
C PRO B 78 -22.01 20.13 -23.94
N ILE B 79 -23.28 19.69 -23.85
CA ILE B 79 -24.28 20.40 -23.06
C ILE B 79 -24.98 19.55 -21.98
N TRP B 80 -24.67 18.24 -21.89
CA TRP B 80 -25.53 17.31 -21.14
C TRP B 80 -25.40 17.46 -19.62
N GLN B 81 -24.24 17.93 -19.14
CA GLN B 81 -24.02 18.10 -17.71
C GLN B 81 -24.89 19.24 -17.15
N GLN B 82 -25.57 19.97 -18.04
CA GLN B 82 -26.24 21.21 -17.67
C GLN B 82 -27.76 21.13 -17.93
N PHE B 83 -28.28 19.91 -18.18
CA PHE B 83 -29.73 19.69 -18.26
C PHE B 83 -30.32 19.71 -16.85
N THR B 84 -31.44 20.43 -16.69
CA THR B 84 -32.12 20.57 -15.39
C THR B 84 -32.58 19.21 -14.87
N ASP B 85 -33.16 18.36 -15.74
CA ASP B 85 -33.64 17.03 -15.40
C ASP B 85 -32.45 16.14 -14.97
N PRO B 86 -32.36 15.74 -13.68
CA PRO B 86 -31.28 14.84 -13.26
C PRO B 86 -31.36 13.40 -13.77
N GLN B 87 -32.59 12.90 -14.03
CA GLN B 87 -32.83 11.53 -14.51
C GLN B 87 -32.20 11.33 -15.89
N LEU B 88 -32.41 12.31 -16.79
CA LEU B 88 -31.77 12.41 -18.11
C LEU B 88 -30.25 12.48 -18.02
N ARG B 89 -29.73 13.36 -17.15
CA ARG B 89 -28.31 13.52 -16.94
C ARG B 89 -27.63 12.18 -16.61
N ARG B 90 -28.24 11.42 -15.68
CA ARG B 90 -27.84 10.04 -15.37
C ARG B 90 -27.81 9.18 -16.66
N ILE B 91 -28.92 9.16 -17.43
CA ILE B 91 -28.98 8.28 -18.58
C ILE B 91 -27.90 8.69 -19.59
N ILE B 92 -27.75 9.98 -19.90
CA ILE B 92 -26.86 10.37 -21.00
C ILE B 92 -25.39 10.13 -20.65
N GLY B 93 -24.98 10.49 -19.42
CA GLY B 93 -23.64 10.15 -18.93
C GLY B 93 -23.29 8.66 -19.09
N ALA B 94 -24.27 7.76 -18.82
CA ALA B 94 -24.10 6.32 -18.97
C ALA B 94 -23.87 5.96 -20.43
N VAL B 95 -24.71 6.53 -21.31
CA VAL B 95 -24.70 6.26 -22.73
C VAL B 95 -23.34 6.55 -23.37
N ARG B 96 -22.72 7.66 -22.94
CA ARG B 96 -21.48 8.17 -23.48
C ARG B 96 -20.25 7.47 -22.87
N THR B 97 -20.45 6.40 -22.09
CA THR B 97 -19.36 5.56 -21.59
C THR B 97 -19.32 4.25 -22.40
N LEU B 98 -18.31 4.09 -23.25
CA LEU B 98 -18.35 3.02 -24.24
C LEU B 98 -17.80 1.69 -23.76
N GLY B 99 -16.86 1.70 -22.78
CA GLY B 99 -16.34 0.44 -22.25
C GLY B 99 -15.48 -0.26 -23.28
N SER B 100 -15.57 -1.60 -23.33
CA SER B 100 -14.80 -2.36 -24.32
C SER B 100 -15.17 -2.00 -25.76
N ALA B 101 -16.22 -1.16 -25.92
CA ALA B 101 -16.63 -0.70 -27.24
C ALA B 101 -15.59 0.27 -27.79
N ASN B 102 -14.76 0.82 -26.90
CA ASN B 102 -13.78 1.82 -27.30
C ASN B 102 -12.63 1.06 -27.95
N LEU B 103 -12.60 -0.27 -27.82
CA LEU B 103 -11.49 -1.02 -28.39
C LEU B 103 -11.65 -1.09 -29.89
N PRO B 104 -10.53 -1.22 -30.66
CA PRO B 104 -10.63 -1.58 -32.08
C PRO B 104 -11.12 -3.02 -32.07
N LEU B 105 -11.44 -3.54 -33.27
CA LEU B 105 -12.17 -4.78 -33.53
C LEU B 105 -11.38 -6.02 -33.12
N ALA B 106 -10.10 -6.12 -33.50
CA ALA B 106 -9.34 -7.30 -33.16
C ALA B 106 -9.11 -7.41 -31.64
N LYS B 107 -9.10 -6.26 -30.96
CA LYS B 107 -8.87 -6.33 -29.52
C LYS B 107 -10.18 -6.66 -28.84
N ARG B 108 -11.28 -6.21 -29.48
CA ARG B 108 -12.63 -6.47 -29.01
C ARG B 108 -12.87 -7.96 -28.98
N GLN B 109 -12.43 -8.59 -30.08
CA GLN B 109 -12.41 -10.03 -30.26
C GLN B 109 -11.69 -10.58 -29.06
N GLN B 110 -10.37 -10.31 -28.98
CA GLN B 110 -9.46 -10.92 -28.01
C GLN B 110 -9.98 -10.85 -26.58
N TYR B 111 -10.56 -9.71 -26.18
CA TYR B 111 -11.13 -9.52 -24.86
C TYR B 111 -12.32 -10.45 -24.63
N ASN B 112 -13.19 -10.56 -25.65
CA ASN B 112 -14.39 -11.39 -25.55
C ASN B 112 -13.93 -12.83 -25.31
N ALA B 113 -12.84 -13.27 -25.95
CA ALA B 113 -12.31 -14.65 -25.83
C ALA B 113 -11.60 -14.94 -24.50
N LEU B 114 -10.99 -13.92 -23.89
CA LEU B 114 -10.27 -14.29 -22.66
C LEU B 114 -11.27 -14.60 -21.53
N LEU B 115 -12.34 -13.80 -21.49
CA LEU B 115 -13.47 -13.96 -20.59
C LEU B 115 -13.96 -15.42 -20.68
N SER B 116 -14.03 -15.95 -21.92
CA SER B 116 -14.59 -17.26 -22.14
C SER B 116 -13.65 -18.35 -21.65
N GLN B 117 -12.32 -18.19 -21.91
CA GLN B 117 -11.37 -19.18 -21.43
C GLN B 117 -11.23 -19.08 -19.89
N MET B 118 -11.16 -17.88 -19.31
CA MET B 118 -11.04 -17.77 -17.85
C MET B 118 -12.25 -18.41 -17.15
N SER B 119 -13.45 -18.14 -17.64
CA SER B 119 -14.67 -18.74 -17.09
C SER B 119 -14.62 -20.26 -17.15
N ARG B 120 -14.18 -20.79 -18.31
CA ARG B 120 -14.09 -22.23 -18.52
C ARG B 120 -13.08 -22.84 -17.55
N ILE B 121 -11.92 -22.22 -17.43
CA ILE B 121 -10.89 -22.79 -16.57
C ILE B 121 -11.45 -22.87 -15.15
N TYR B 122 -12.11 -21.80 -14.68
CA TYR B 122 -12.55 -21.75 -13.28
C TYR B 122 -13.54 -22.90 -13.04
N SER B 123 -14.54 -22.98 -13.92
CA SER B 123 -15.72 -23.77 -13.66
C SER B 123 -15.55 -25.22 -14.08
N THR B 124 -14.45 -25.55 -14.77
CA THR B 124 -14.18 -26.95 -15.07
C THR B 124 -12.95 -27.51 -14.33
N ALA B 125 -12.27 -26.75 -13.46
CA ALA B 125 -11.08 -27.24 -12.78
C ALA B 125 -11.44 -28.32 -11.77
N LYS B 126 -10.66 -29.42 -11.71
CA LYS B 126 -10.93 -30.50 -10.78
C LYS B 126 -9.68 -30.79 -9.96
N VAL B 127 -9.85 -31.47 -8.83
CA VAL B 127 -8.74 -31.95 -8.02
C VAL B 127 -8.72 -33.48 -8.12
N CYS B 128 -7.53 -34.04 -8.34
CA CYS B 128 -7.31 -35.45 -8.64
C CYS B 128 -6.35 -36.10 -7.67
N LEU B 129 -6.58 -37.38 -7.36
CA LEU B 129 -5.47 -38.26 -7.02
C LEU B 129 -5.38 -39.39 -8.06
N CYS B 136 -12.30 -37.76 -9.72
CA CYS B 136 -11.86 -36.35 -9.52
C CYS B 136 -12.93 -35.47 -8.88
N TRP B 137 -12.49 -34.62 -7.95
CA TRP B 137 -13.39 -33.77 -7.19
C TRP B 137 -13.56 -32.41 -7.83
N SER B 138 -14.81 -31.94 -7.93
CA SER B 138 -15.13 -30.60 -8.41
C SER B 138 -15.32 -29.67 -7.20
N LEU B 139 -15.24 -28.37 -7.45
CA LEU B 139 -15.39 -27.36 -6.41
C LEU B 139 -16.74 -27.57 -5.72
N ASP B 140 -17.78 -27.68 -6.53
CA ASP B 140 -19.15 -27.75 -6.03
C ASP B 140 -19.74 -29.04 -6.61
N PRO B 141 -20.14 -30.07 -5.81
CA PRO B 141 -20.11 -30.01 -4.35
C PRO B 141 -18.92 -30.57 -3.57
N ASP B 142 -17.97 -31.21 -4.27
CA ASP B 142 -17.04 -32.10 -3.59
C ASP B 142 -16.09 -31.35 -2.65
N LEU B 143 -15.34 -30.40 -3.21
CA LEU B 143 -14.45 -29.57 -2.40
C LEU B 143 -15.22 -28.69 -1.39
N THR B 144 -16.31 -28.07 -1.81
CA THR B 144 -17.22 -27.38 -0.89
C THR B 144 -17.54 -28.24 0.33
N ASN B 145 -17.98 -29.48 0.14
CA ASN B 145 -18.41 -30.27 1.28
C ASN B 145 -17.19 -30.63 2.14
N ILE B 146 -16.06 -30.96 1.51
CA ILE B 146 -14.84 -31.24 2.27
C ILE B 146 -14.50 -30.05 3.15
N LEU B 147 -14.46 -28.82 2.58
CA LEU B 147 -13.98 -27.65 3.29
C LEU B 147 -14.94 -27.40 4.47
N ALA B 148 -16.22 -27.81 4.32
CA ALA B 148 -17.30 -27.47 5.27
C ALA B 148 -17.29 -28.41 6.47
N SER B 149 -16.96 -29.68 6.26
CA SER B 149 -17.26 -30.69 7.27
C SER B 149 -16.05 -31.59 7.63
N SER B 150 -14.97 -31.58 6.83
CA SER B 150 -13.82 -32.37 7.24
C SER B 150 -13.10 -31.66 8.40
N ARG B 151 -12.72 -32.43 9.43
CA ARG B 151 -11.95 -31.86 10.53
C ARG B 151 -10.54 -32.48 10.57
N SER B 152 -10.14 -33.04 9.44
CA SER B 152 -8.83 -33.64 9.27
C SER B 152 -7.92 -32.62 8.58
N TYR B 153 -6.92 -32.18 9.33
CA TYR B 153 -6.03 -31.13 8.86
C TYR B 153 -5.55 -31.50 7.45
N ALA B 154 -5.15 -32.76 7.26
CA ALA B 154 -4.44 -33.18 6.04
C ALA B 154 -5.37 -33.20 4.84
N MET B 155 -6.63 -33.59 5.05
CA MET B 155 -7.60 -33.69 3.97
C MET B 155 -8.02 -32.28 3.53
N LEU B 156 -8.18 -31.38 4.51
CA LEU B 156 -8.59 -29.99 4.25
C LEU B 156 -7.48 -29.33 3.43
N LEU B 157 -6.22 -29.69 3.82
CA LEU B 157 -5.04 -29.14 3.17
C LEU B 157 -5.05 -29.58 1.72
N PHE B 158 -5.30 -30.86 1.48
CA PHE B 158 -5.16 -31.38 0.15
C PHE B 158 -6.26 -30.77 -0.75
N ALA B 159 -7.43 -30.53 -0.19
CA ALA B 159 -8.48 -29.84 -0.95
C ALA B 159 -8.12 -28.39 -1.30
N TRP B 160 -7.58 -27.64 -0.31
CA TRP B 160 -7.25 -26.23 -0.44
C TRP B 160 -6.15 -26.06 -1.48
N GLU B 161 -5.07 -26.82 -1.32
CA GLU B 161 -3.93 -26.70 -2.24
C GLU B 161 -4.33 -27.18 -3.64
N GLY B 162 -4.95 -28.35 -3.70
CA GLY B 162 -5.36 -28.85 -4.99
C GLY B 162 -6.22 -27.81 -5.71
N TRP B 163 -7.18 -27.18 -5.00
CA TRP B 163 -8.06 -26.24 -5.69
C TRP B 163 -7.29 -25.00 -6.18
N HIS B 164 -6.53 -24.41 -5.27
CA HIS B 164 -5.80 -23.19 -5.59
C HIS B 164 -4.82 -23.45 -6.73
N ASN B 165 -4.16 -24.60 -6.68
CA ASN B 165 -3.25 -24.93 -7.78
C ASN B 165 -4.00 -25.14 -9.11
N ALA B 166 -5.11 -25.92 -9.10
CA ALA B 166 -5.80 -26.28 -10.34
C ALA B 166 -6.45 -25.07 -10.99
N ALA B 167 -7.01 -24.13 -10.20
CA ALA B 167 -7.71 -23.01 -10.82
C ALA B 167 -6.74 -21.86 -11.12
N GLY B 168 -5.87 -21.49 -10.16
CA GLY B 168 -5.09 -20.27 -10.18
C GLY B 168 -3.97 -20.35 -11.22
N ILE B 169 -3.16 -21.41 -11.17
CA ILE B 169 -1.96 -21.48 -12.04
C ILE B 169 -2.28 -21.17 -13.52
N PRO B 170 -3.20 -21.91 -14.19
CA PRO B 170 -3.53 -21.67 -15.60
C PRO B 170 -4.21 -20.35 -15.95
N LEU B 171 -4.82 -19.70 -14.95
CA LEU B 171 -5.54 -18.44 -15.17
C LEU B 171 -4.59 -17.26 -15.28
N LYS B 172 -3.43 -17.34 -14.65
CA LYS B 172 -2.57 -16.18 -14.48
C LYS B 172 -2.20 -15.52 -15.81
N PRO B 173 -1.68 -16.29 -16.81
CA PRO B 173 -1.36 -15.71 -18.11
C PRO B 173 -2.52 -14.98 -18.79
N LEU B 174 -3.73 -15.53 -18.69
CA LEU B 174 -4.93 -14.92 -19.27
C LEU B 174 -5.31 -13.65 -18.52
N TYR B 175 -5.26 -13.72 -17.19
CA TYR B 175 -5.63 -12.57 -16.40
C TYR B 175 -4.73 -11.37 -16.73
N GLU B 176 -3.45 -11.59 -17.00
CA GLU B 176 -2.61 -10.42 -17.28
C GLU B 176 -3.04 -9.76 -18.60
N ASP B 177 -3.41 -10.59 -19.58
CA ASP B 177 -3.87 -10.06 -20.87
C ASP B 177 -5.18 -9.31 -20.71
N PHE B 178 -6.06 -9.89 -19.88
CA PHE B 178 -7.36 -9.30 -19.65
C PHE B 178 -7.19 -7.90 -19.05
N THR B 179 -6.33 -7.80 -18.02
CA THR B 179 -6.17 -6.50 -17.35
C THR B 179 -5.75 -5.43 -18.36
N ALA B 180 -4.75 -5.75 -19.17
CA ALA B 180 -4.20 -4.81 -20.11
C ALA B 180 -5.29 -4.31 -21.08
N LEU B 181 -6.18 -5.21 -21.57
CA LEU B 181 -7.20 -4.82 -22.55
C LEU B 181 -8.27 -3.96 -21.88
N SER B 182 -8.70 -4.41 -20.69
CA SER B 182 -9.73 -3.69 -19.99
C SER B 182 -9.29 -2.25 -19.73
N ASN B 183 -8.02 -2.08 -19.30
CA ASN B 183 -7.51 -0.75 -19.01
C ASN B 183 -7.51 0.14 -20.26
N GLU B 184 -7.07 -0.43 -21.39
N GLU B 184 -7.15 -0.51 -21.40
CA GLU B 184 -7.02 0.32 -22.64
CA GLU B 184 -6.97 0.09 -22.73
C GLU B 184 -8.41 0.85 -22.95
C GLU B 184 -8.30 0.43 -23.38
N ALA B 185 -9.41 -0.03 -22.76
CA ALA B 185 -10.77 0.25 -23.16
C ALA B 185 -11.26 1.45 -22.35
N TYR B 186 -11.05 1.43 -21.02
CA TYR B 186 -11.72 2.40 -20.17
C TYR B 186 -10.99 3.75 -20.18
N LYS B 187 -9.68 3.73 -20.50
CA LYS B 187 -8.91 4.96 -20.58
C LYS B 187 -9.52 5.93 -21.60
N GLN B 188 -10.18 5.38 -22.61
CA GLN B 188 -10.81 6.19 -23.63
C GLN B 188 -12.11 6.85 -23.17
N ASP B 189 -12.60 6.52 -21.98
CA ASP B 189 -13.77 7.22 -21.46
C ASP B 189 -13.35 8.24 -20.42
N GLY B 190 -12.03 8.40 -20.21
CA GLY B 190 -11.54 9.43 -19.32
C GLY B 190 -11.15 8.88 -17.95
N PHE B 191 -11.28 7.55 -17.79
CA PHE B 191 -10.90 6.88 -16.56
C PHE B 191 -9.42 6.52 -16.55
N THR B 192 -8.76 6.78 -15.41
CA THR B 192 -7.36 6.44 -15.26
C THR B 192 -7.15 4.92 -15.45
N ASP B 193 -8.11 4.11 -14.98
CA ASP B 193 -8.08 2.67 -15.20
C ASP B 193 -9.45 2.07 -14.88
N THR B 194 -9.60 0.78 -15.18
CA THR B 194 -10.87 0.08 -14.96
C THR B 194 -11.40 0.23 -13.54
N GLY B 195 -10.50 0.16 -12.52
CA GLY B 195 -10.94 0.24 -11.14
C GLY B 195 -11.63 1.56 -10.89
N ALA B 196 -11.17 2.62 -11.57
CA ALA B 196 -11.76 3.94 -11.35
C ALA B 196 -13.18 4.00 -11.90
N TYR B 197 -13.41 3.27 -12.98
CA TYR B 197 -14.71 3.17 -13.60
C TYR B 197 -15.65 2.42 -12.64
N TRP B 198 -15.18 1.25 -12.16
CA TRP B 198 -15.96 0.42 -11.26
C TRP B 198 -16.37 1.24 -10.05
N ARG B 199 -15.45 2.04 -9.50
CA ARG B 199 -15.71 2.88 -8.34
C ARG B 199 -16.67 4.02 -8.73
N SER B 200 -16.65 4.46 -10.00
CA SER B 200 -17.55 5.55 -10.38
C SER B 200 -19.02 5.23 -10.07
N TRP B 201 -19.36 3.93 -10.03
CA TRP B 201 -20.74 3.45 -9.87
C TRP B 201 -21.36 3.90 -8.55
N TYR B 202 -20.55 4.39 -7.61
CA TYR B 202 -21.05 4.77 -6.31
C TYR B 202 -21.25 6.28 -6.23
N ASN B 203 -20.90 7.00 -7.31
CA ASN B 203 -20.83 8.47 -7.34
C ASN B 203 -20.55 9.10 -6.00
N SER B 204 -19.33 8.90 -5.53
CA SER B 204 -18.95 9.47 -4.25
C SER B 204 -17.48 9.84 -4.36
N PRO B 205 -17.14 11.14 -4.19
CA PRO B 205 -15.75 11.58 -4.26
C PRO B 205 -14.95 10.93 -3.16
N THR B 206 -15.54 10.78 -1.96
CA THR B 206 -14.78 10.24 -0.86
C THR B 206 -15.02 8.72 -0.65
N PHE B 207 -15.33 7.96 -1.71
CA PHE B 207 -15.65 6.53 -1.64
C PHE B 207 -14.61 5.72 -0.86
N GLU B 208 -13.35 5.78 -1.28
CA GLU B 208 -12.28 5.00 -0.68
C GLU B 208 -12.12 5.33 0.80
N ASP B 209 -12.01 6.61 1.14
CA ASP B 209 -11.94 7.11 2.51
C ASP B 209 -13.14 6.64 3.35
N ASP B 210 -14.35 6.76 2.81
CA ASP B 210 -15.56 6.31 3.49
C ASP B 210 -15.51 4.83 3.86
N LEU B 211 -15.16 3.97 2.88
CA LEU B 211 -14.99 2.54 3.13
C LEU B 211 -13.97 2.30 4.25
N GLU B 212 -12.85 3.04 4.18
CA GLU B 212 -11.78 2.88 5.17
C GLU B 212 -12.29 3.24 6.57
N HIS B 213 -13.09 4.32 6.67
CA HIS B 213 -13.62 4.72 7.96
C HIS B 213 -14.61 3.69 8.47
N LEU B 214 -15.41 3.11 7.56
CA LEU B 214 -16.28 2.01 7.93
C LEU B 214 -15.47 0.85 8.48
N TYR B 215 -14.51 0.35 7.68
CA TYR B 215 -13.69 -0.75 8.17
C TYR B 215 -13.11 -0.48 9.58
N GLN B 216 -12.59 0.73 9.84
CA GLN B 216 -11.96 0.98 11.14
C GLN B 216 -12.93 0.76 12.30
N GLN B 217 -14.22 1.06 12.11
CA GLN B 217 -15.15 0.87 13.21
C GLN B 217 -15.51 -0.60 13.36
N LEU B 218 -15.38 -1.36 12.25
CA LEU B 218 -15.76 -2.76 12.28
C LEU B 218 -14.59 -3.65 12.72
N GLU B 219 -13.32 -3.21 12.52
CA GLU B 219 -12.15 -4.09 12.78
C GLU B 219 -12.09 -4.72 14.18
N PRO B 220 -12.38 -3.99 15.29
CA PRO B 220 -12.34 -4.56 16.64
C PRO B 220 -13.25 -5.78 16.74
N LEU B 221 -14.44 -5.73 16.11
CA LEU B 221 -15.36 -6.86 16.11
C LEU B 221 -14.71 -8.07 15.46
N TYR B 222 -14.10 -7.86 14.28
CA TYR B 222 -13.44 -8.99 13.63
C TYR B 222 -12.24 -9.52 14.44
N LEU B 223 -11.47 -8.57 15.02
CA LEU B 223 -10.28 -9.03 15.74
C LEU B 223 -10.68 -9.92 16.90
N ASN B 224 -11.77 -9.54 17.58
CA ASN B 224 -12.24 -10.33 18.72
C ASN B 224 -12.81 -11.65 18.25
N LEU B 225 -13.50 -11.64 17.12
CA LEU B 225 -14.05 -12.92 16.69
C LEU B 225 -12.91 -13.86 16.30
N HIS B 226 -11.95 -13.35 15.52
CA HIS B 226 -10.77 -14.08 15.09
C HIS B 226 -10.02 -14.74 16.26
N ALA B 227 -9.70 -13.97 17.32
CA ALA B 227 -8.96 -14.51 18.45
C ALA B 227 -9.76 -15.63 19.13
N PHE B 228 -11.08 -15.42 19.29
CA PHE B 228 -11.96 -16.44 19.89
C PHE B 228 -11.97 -17.71 19.05
N VAL B 229 -12.10 -17.59 17.72
CA VAL B 229 -12.09 -18.77 16.85
C VAL B 229 -10.70 -19.37 16.79
N ARG B 230 -9.65 -18.54 16.72
CA ARG B 230 -8.30 -19.12 16.75
C ARG B 230 -8.11 -20.03 17.99
N ARG B 231 -8.65 -19.55 19.09
CA ARG B 231 -8.54 -20.29 20.35
C ARG B 231 -9.20 -21.65 20.20
N ALA B 232 -10.40 -21.66 19.59
CA ALA B 232 -11.10 -22.93 19.43
C ALA B 232 -10.40 -23.87 18.46
N LEU B 233 -9.74 -23.33 17.42
CA LEU B 233 -9.02 -24.19 16.47
C LEU B 233 -7.76 -24.74 17.12
N HIS B 234 -7.15 -23.96 18.01
CA HIS B 234 -6.00 -24.47 18.76
C HIS B 234 -6.43 -25.65 19.64
N ARG B 235 -7.56 -25.51 20.35
CA ARG B 235 -8.05 -26.64 21.14
C ARG B 235 -8.15 -27.90 20.26
N ARG B 236 -8.69 -27.75 19.03
CA ARG B 236 -8.93 -28.89 18.13
C ARG B 236 -7.61 -29.34 17.51
N TYR B 237 -6.74 -28.43 17.05
CA TYR B 237 -5.68 -28.92 16.17
C TYR B 237 -4.31 -28.88 16.84
N GLY B 238 -4.16 -28.17 17.98
CA GLY B 238 -2.89 -28.19 18.72
C GLY B 238 -1.92 -27.08 18.34
N ASP B 239 -0.85 -26.89 19.15
CA ASP B 239 0.18 -25.88 18.93
C ASP B 239 0.97 -26.14 17.66
N ARG B 240 0.95 -27.35 17.12
CA ARG B 240 1.75 -27.56 15.93
C ARG B 240 1.19 -26.75 14.75
N TYR B 241 -0.15 -26.64 14.71
CA TYR B 241 -0.77 -26.12 13.50
C TYR B 241 -1.41 -24.78 13.76
N ILE B 242 -1.59 -24.42 15.03
CA ILE B 242 -2.23 -23.17 15.32
C ILE B 242 -1.28 -22.38 16.21
N ASN B 243 -0.96 -21.18 15.77
CA ASN B 243 -0.14 -20.23 16.52
C ASN B 243 -1.08 -19.23 17.19
N LEU B 244 -1.15 -19.27 18.52
CA LEU B 244 -2.00 -18.36 19.26
C LEU B 244 -1.65 -16.90 19.08
N ARG B 245 -0.48 -16.59 18.49
CA ARG B 245 -0.16 -15.20 18.21
C ARG B 245 0.06 -14.95 16.72
N GLY B 246 -0.32 -15.90 15.88
CA GLY B 246 -0.03 -15.81 14.46
C GLY B 246 -1.28 -15.92 13.59
N PRO B 247 -1.19 -15.81 12.24
CA PRO B 247 -2.39 -15.93 11.40
C PRO B 247 -2.95 -17.35 11.45
N ILE B 248 -4.24 -17.52 11.17
CA ILE B 248 -4.89 -18.83 11.16
C ILE B 248 -4.61 -19.43 9.77
N PRO B 249 -4.18 -20.72 9.65
CA PRO B 249 -4.05 -21.39 8.35
C PRO B 249 -5.36 -21.33 7.55
N ALA B 250 -5.28 -20.96 6.25
CA ALA B 250 -6.39 -20.43 5.46
C ALA B 250 -7.43 -21.52 5.12
N HIS B 251 -7.16 -22.78 5.48
CA HIS B 251 -8.00 -23.92 5.08
C HIS B 251 -8.89 -24.42 6.23
N LEU B 252 -8.85 -23.80 7.40
CA LEU B 252 -9.43 -24.40 8.60
C LEU B 252 -10.74 -23.72 9.04
N LEU B 253 -11.29 -22.81 8.21
CA LEU B 253 -12.37 -21.95 8.67
C LEU B 253 -13.70 -22.31 8.00
N GLY B 254 -13.71 -23.39 7.23
CA GLY B 254 -14.96 -24.02 6.85
C GLY B 254 -15.37 -23.69 5.42
N ASP B 255 -14.52 -22.96 4.73
CA ASP B 255 -14.85 -22.40 3.44
C ASP B 255 -13.54 -22.29 2.63
N MET B 256 -13.59 -22.54 1.32
CA MET B 256 -12.39 -22.53 0.48
C MET B 256 -11.62 -21.20 0.59
N TRP B 257 -12.34 -20.08 0.81
CA TRP B 257 -11.73 -18.76 0.78
C TRP B 257 -11.62 -18.18 2.18
N ALA B 258 -12.09 -18.95 3.17
CA ALA B 258 -12.13 -18.48 4.55
C ALA B 258 -13.03 -17.25 4.63
N GLN B 259 -14.04 -17.16 3.77
CA GLN B 259 -14.72 -15.87 3.70
C GLN B 259 -15.95 -15.85 4.61
N SER B 260 -16.48 -17.01 4.93
CA SER B 260 -17.43 -17.02 6.01
C SER B 260 -17.23 -18.31 6.79
N TRP B 261 -17.47 -18.24 8.10
CA TRP B 261 -16.97 -19.27 8.99
C TRP B 261 -18.13 -20.06 9.59
N GLU B 262 -19.35 -19.91 9.05
CA GLU B 262 -20.46 -20.58 9.74
C GLU B 262 -20.28 -22.11 9.81
N ASN B 263 -19.56 -22.71 8.86
CA ASN B 263 -19.40 -24.15 8.89
C ASN B 263 -18.60 -24.68 10.07
N ILE B 264 -17.88 -23.81 10.81
CA ILE B 264 -17.19 -24.35 11.98
C ILE B 264 -17.91 -23.95 13.25
N TYR B 265 -19.18 -23.51 13.14
CA TYR B 265 -19.99 -23.17 14.32
C TYR B 265 -19.95 -24.29 15.37
N ASP B 266 -20.11 -25.53 14.93
CA ASP B 266 -20.16 -26.63 15.89
C ASP B 266 -18.88 -26.68 16.76
N MET B 267 -17.76 -26.15 16.26
CA MET B 267 -16.53 -26.24 17.01
C MET B 267 -16.37 -25.07 17.96
N VAL B 268 -17.15 -24.01 17.78
CA VAL B 268 -16.87 -22.80 18.56
C VAL B 268 -18.09 -22.35 19.38
N VAL B 269 -19.20 -23.07 19.24
CA VAL B 269 -20.46 -22.66 19.85
C VAL B 269 -20.28 -22.36 21.35
N PRO B 270 -20.61 -21.13 21.80
CA PRO B 270 -20.36 -20.67 23.17
C PRO B 270 -20.99 -21.37 24.35
N PHE B 271 -22.27 -21.81 24.22
CA PHE B 271 -22.99 -22.60 25.21
C PHE B 271 -23.50 -23.86 24.49
N PRO B 272 -22.61 -24.86 24.29
CA PRO B 272 -22.83 -26.02 23.38
C PRO B 272 -23.93 -27.09 23.33
N ASP B 273 -24.61 -27.29 24.46
CA ASP B 273 -25.61 -28.33 24.66
C ASP B 273 -27.00 -27.88 24.24
N LYS B 274 -27.20 -26.57 24.04
CA LYS B 274 -28.49 -25.96 23.79
C LYS B 274 -28.96 -26.43 22.42
N PRO B 275 -30.17 -26.08 21.94
CA PRO B 275 -30.63 -26.56 20.64
C PRO B 275 -29.63 -26.16 19.57
N ASN B 276 -29.41 -27.05 18.60
CA ASN B 276 -28.52 -26.84 17.48
C ASN B 276 -29.13 -25.81 16.54
N LEU B 277 -28.53 -24.60 16.46
CA LEU B 277 -29.06 -23.51 15.67
C LEU B 277 -28.73 -23.69 14.19
N ASP B 278 -27.90 -24.69 13.87
CA ASP B 278 -27.72 -25.03 12.47
C ASP B 278 -28.74 -26.14 12.17
N VAL B 279 -29.72 -25.82 11.32
CA VAL B 279 -30.91 -26.64 11.10
C VAL B 279 -30.68 -27.58 9.91
N THR B 280 -29.45 -27.62 9.41
CA THR B 280 -29.19 -28.47 8.26
C THR B 280 -29.68 -29.87 8.53
N SER B 281 -29.25 -30.48 9.65
CA SER B 281 -29.58 -31.90 9.80
C SER B 281 -31.09 -32.15 9.87
N THR B 282 -31.86 -31.18 10.44
CA THR B 282 -33.32 -31.23 10.42
C THR B 282 -33.86 -31.12 8.97
N MET B 283 -33.32 -30.23 8.12
CA MET B 283 -33.76 -30.12 6.72
C MET B 283 -33.60 -31.45 6.01
N LEU B 284 -32.46 -32.14 6.23
CA LEU B 284 -32.24 -33.44 5.61
C LEU B 284 -33.17 -34.43 6.31
N GLN B 285 -33.27 -34.36 7.65
CA GLN B 285 -34.11 -35.33 8.35
C GLN B 285 -35.52 -35.28 7.73
N GLN B 286 -36.02 -34.07 7.41
CA GLN B 286 -37.38 -33.85 6.93
C GLN B 286 -37.50 -34.04 5.41
N GLY B 287 -36.38 -34.19 4.68
CA GLY B 287 -36.52 -34.39 3.24
C GLY B 287 -36.68 -33.13 2.40
N TRP B 288 -36.11 -31.99 2.83
CA TRP B 288 -36.20 -30.81 1.96
C TRP B 288 -35.43 -31.06 0.66
N GLN B 289 -35.88 -30.45 -0.43
CA GLN B 289 -35.17 -30.45 -1.69
C GLN B 289 -35.06 -29.04 -2.20
N ALA B 290 -34.32 -28.86 -3.29
CA ALA B 290 -34.12 -27.54 -3.87
C ALA B 290 -35.46 -26.86 -4.07
N THR B 291 -36.45 -27.61 -4.54
CA THR B 291 -37.70 -26.98 -4.88
C THR B 291 -38.39 -26.41 -3.62
N HIS B 292 -38.33 -27.11 -2.48
CA HIS B 292 -38.95 -26.59 -1.26
C HIS B 292 -38.28 -25.29 -0.82
N MET B 293 -36.96 -25.27 -0.97
CA MET B 293 -36.16 -24.14 -0.50
C MET B 293 -36.61 -22.87 -1.26
N PHE B 294 -36.67 -22.97 -2.60
CA PHE B 294 -37.12 -21.86 -3.43
C PHE B 294 -38.57 -21.44 -3.07
N ARG B 295 -39.49 -22.40 -2.85
CA ARG B 295 -40.89 -22.03 -2.59
C ARG B 295 -41.00 -21.35 -1.23
N VAL B 296 -40.16 -21.81 -0.31
CA VAL B 296 -40.21 -21.24 1.01
C VAL B 296 -39.67 -19.81 0.96
N ALA B 297 -38.61 -19.58 0.19
CA ALA B 297 -38.11 -18.23 -0.01
C ALA B 297 -39.17 -17.34 -0.66
N GLU B 298 -39.83 -17.85 -1.70
CA GLU B 298 -40.82 -17.05 -2.39
C GLU B 298 -41.92 -16.57 -1.43
N GLU B 299 -42.39 -17.50 -0.58
CA GLU B 299 -43.51 -17.18 0.27
C GLU B 299 -43.15 -16.05 1.24
N PHE B 300 -41.88 -16.00 1.65
CA PHE B 300 -41.43 -14.86 2.45
C PHE B 300 -41.72 -13.58 1.67
N PHE B 301 -41.27 -13.54 0.40
CA PHE B 301 -41.50 -12.41 -0.49
C PHE B 301 -42.98 -12.05 -0.57
N THR B 302 -43.85 -13.05 -0.86
CA THR B 302 -45.26 -12.81 -1.06
C THR B 302 -45.89 -12.44 0.27
N SER B 303 -45.27 -12.82 1.40
CA SER B 303 -45.86 -12.48 2.69
C SER B 303 -45.79 -10.97 2.93
N LEU B 304 -44.83 -10.31 2.26
CA LEU B 304 -44.56 -8.88 2.32
C LEU B 304 -45.37 -8.14 1.25
N GLU B 305 -46.15 -8.89 0.46
CA GLU B 305 -46.89 -8.36 -0.69
C GLU B 305 -45.94 -7.90 -1.78
N LEU B 306 -44.74 -8.48 -1.82
CA LEU B 306 -43.92 -8.39 -3.03
C LEU B 306 -44.39 -9.47 -3.99
N SER B 307 -43.75 -9.57 -5.15
CA SER B 307 -44.25 -10.40 -6.23
C SER B 307 -43.79 -11.86 -6.07
N PRO B 308 -44.68 -12.80 -6.44
CA PRO B 308 -44.28 -14.20 -6.60
C PRO B 308 -43.32 -14.32 -7.78
N MET B 309 -42.61 -15.44 -7.87
CA MET B 309 -41.85 -15.76 -9.07
C MET B 309 -42.82 -16.09 -10.19
N PRO B 310 -42.63 -15.52 -11.41
CA PRO B 310 -43.54 -15.82 -12.55
C PRO B 310 -43.35 -17.24 -13.10
N PRO B 311 -44.30 -17.79 -13.90
CA PRO B 311 -44.15 -19.11 -14.53
C PRO B 311 -42.82 -19.31 -15.26
N GLU B 312 -42.40 -18.30 -16.02
CA GLU B 312 -41.14 -18.34 -16.77
C GLU B 312 -39.96 -18.61 -15.84
N PHE B 313 -40.02 -18.15 -14.57
CA PHE B 313 -38.96 -18.41 -13.60
C PHE B 313 -38.88 -19.90 -13.29
N TRP B 314 -40.05 -20.55 -13.00
CA TRP B 314 -40.04 -21.96 -12.61
C TRP B 314 -39.70 -22.83 -13.82
N GLU B 315 -40.20 -22.42 -14.98
CA GLU B 315 -40.01 -23.19 -16.18
C GLU B 315 -38.55 -23.17 -16.62
N GLY B 316 -37.84 -22.07 -16.36
CA GLY B 316 -36.60 -21.87 -17.07
C GLY B 316 -35.35 -21.92 -16.18
N SER B 317 -35.54 -21.90 -14.85
CA SER B 317 -34.39 -21.81 -13.96
C SER B 317 -33.70 -23.17 -13.88
N MET B 318 -32.41 -23.20 -13.48
CA MET B 318 -31.72 -24.43 -13.15
C MET B 318 -31.45 -24.43 -11.65
N LEU B 319 -32.18 -25.28 -10.91
CA LEU B 319 -32.22 -25.18 -9.44
C LEU B 319 -31.40 -26.33 -8.82
N GLU B 320 -30.87 -27.25 -9.65
CA GLU B 320 -30.05 -28.34 -9.19
C GLU B 320 -28.92 -28.57 -10.21
N LYS B 321 -27.77 -29.09 -9.75
CA LYS B 321 -26.72 -29.46 -10.71
C LYS B 321 -27.21 -30.58 -11.63
N PRO B 322 -27.16 -30.41 -12.97
CA PRO B 322 -27.68 -31.43 -13.91
C PRO B 322 -26.93 -32.74 -13.78
N ALA B 323 -27.68 -33.83 -13.82
CA ALA B 323 -27.17 -35.17 -13.55
C ALA B 323 -26.65 -35.87 -14.83
N ASP B 324 -26.56 -35.13 -15.95
CA ASP B 324 -26.39 -35.74 -17.26
C ASP B 324 -24.98 -35.57 -17.78
N GLY B 325 -23.99 -35.51 -16.87
CA GLY B 325 -22.60 -35.27 -17.23
C GLY B 325 -22.47 -34.03 -18.12
N ARG B 326 -22.83 -32.87 -17.57
CA ARG B 326 -22.75 -31.65 -18.35
C ARG B 326 -22.05 -30.61 -17.47
N GLU B 327 -21.03 -29.95 -18.02
CA GLU B 327 -20.27 -28.96 -17.30
C GLU B 327 -21.16 -27.72 -17.17
N VAL B 328 -21.29 -27.21 -15.93
CA VAL B 328 -22.05 -26.00 -15.69
C VAL B 328 -21.18 -25.11 -14.79
N VAL B 329 -21.40 -23.79 -14.88
CA VAL B 329 -20.94 -22.82 -13.89
C VAL B 329 -21.83 -23.03 -12.65
N CYS B 330 -21.21 -23.55 -11.60
CA CYS B 330 -21.97 -23.88 -10.40
C CYS B 330 -22.31 -22.64 -9.59
N HIS B 331 -21.44 -21.64 -9.62
CA HIS B 331 -21.56 -20.49 -8.73
C HIS B 331 -22.97 -19.93 -8.89
N ALA B 332 -23.71 -19.74 -7.78
CA ALA B 332 -25.14 -19.36 -7.86
C ALA B 332 -25.27 -17.97 -8.49
N SER B 333 -26.30 -17.78 -9.32
CA SER B 333 -26.50 -16.47 -9.94
C SER B 333 -27.93 -16.25 -10.43
N ALA B 334 -28.29 -14.99 -10.56
CA ALA B 334 -29.66 -14.55 -10.89
C ALA B 334 -29.57 -13.73 -12.17
N TRP B 335 -30.54 -13.91 -13.08
CA TRP B 335 -30.45 -13.51 -14.48
C TRP B 335 -31.67 -12.71 -14.90
N ASP B 336 -31.44 -11.47 -15.36
CA ASP B 336 -32.45 -10.61 -15.98
C ASP B 336 -32.20 -10.58 -17.48
N PHE B 337 -33.20 -11.02 -18.27
CA PHE B 337 -32.98 -11.10 -19.71
C PHE B 337 -33.43 -9.82 -20.42
N TYR B 338 -33.84 -8.76 -19.68
CA TYR B 338 -34.25 -7.49 -20.26
C TYR B 338 -35.34 -7.69 -21.34
N ASN B 339 -36.39 -8.47 -21.02
CA ASN B 339 -37.60 -8.68 -21.82
C ASN B 339 -38.82 -8.24 -21.02
N ARG B 340 -38.64 -8.02 -19.71
CA ARG B 340 -39.75 -7.84 -18.78
C ARG B 340 -40.51 -9.16 -18.54
N LYS B 341 -40.02 -10.29 -19.10
CA LYS B 341 -40.67 -11.59 -19.09
C LYS B 341 -39.79 -12.69 -18.49
N ASP B 342 -38.54 -12.80 -18.95
CA ASP B 342 -37.69 -13.89 -18.49
C ASP B 342 -36.74 -13.48 -17.37
N PHE B 343 -36.82 -14.24 -16.26
CA PHE B 343 -36.00 -14.06 -15.07
C PHE B 343 -35.72 -15.44 -14.47
N ARG B 344 -34.45 -15.72 -14.13
CA ARG B 344 -34.11 -17.09 -13.82
C ARG B 344 -32.98 -17.12 -12.80
N ILE B 345 -32.87 -18.25 -12.10
CA ILE B 345 -31.74 -18.48 -11.22
C ILE B 345 -31.05 -19.74 -11.72
N LYS B 346 -29.72 -19.75 -11.64
CA LYS B 346 -28.93 -20.92 -11.95
C LYS B 346 -28.17 -21.24 -10.65
N GLN B 347 -28.56 -22.31 -9.94
CA GLN B 347 -27.93 -22.61 -8.65
C GLN B 347 -27.76 -24.11 -8.56
N CYS B 348 -26.55 -24.56 -8.16
CA CYS B 348 -26.35 -25.99 -7.94
C CYS B 348 -26.74 -26.32 -6.51
N THR B 349 -28.03 -26.13 -6.23
CA THR B 349 -28.51 -26.01 -4.85
C THR B 349 -28.24 -27.31 -4.10
N ARG B 350 -27.65 -27.19 -2.90
CA ARG B 350 -27.54 -28.24 -1.91
C ARG B 350 -28.50 -28.00 -0.73
N VAL B 351 -28.88 -29.05 0.00
CA VAL B 351 -29.78 -28.90 1.15
C VAL B 351 -28.98 -28.63 2.42
N THR B 352 -28.72 -27.35 2.69
CA THR B 352 -28.03 -26.91 3.90
C THR B 352 -28.67 -25.60 4.33
N MET B 353 -28.51 -25.23 5.62
CA MET B 353 -28.96 -23.94 6.10
C MET B 353 -28.26 -22.77 5.35
N ASP B 354 -26.97 -22.87 5.00
CA ASP B 354 -26.29 -21.77 4.30
C ASP B 354 -26.80 -21.60 2.85
N GLN B 355 -27.15 -22.72 2.20
CA GLN B 355 -27.74 -22.66 0.88
C GLN B 355 -29.11 -22.02 0.92
N LEU B 356 -29.90 -22.29 2.00
CA LEU B 356 -31.18 -21.61 2.16
C LEU B 356 -31.01 -20.09 2.15
N SER B 357 -30.01 -19.60 2.88
N SER B 357 -29.95 -19.61 2.84
CA SER B 357 -29.59 -18.22 2.77
CA SER B 357 -29.53 -18.23 2.78
C SER B 357 -29.18 -17.81 1.35
C SER B 357 -29.19 -17.82 1.35
N THR B 358 -28.39 -18.64 0.65
CA THR B 358 -28.03 -18.31 -0.70
C THR B 358 -29.30 -18.19 -1.57
N VAL B 359 -30.24 -19.12 -1.42
CA VAL B 359 -31.47 -19.03 -2.20
C VAL B 359 -32.20 -17.69 -1.99
N HIS B 360 -32.25 -17.22 -0.73
CA HIS B 360 -32.83 -15.92 -0.45
C HIS B 360 -32.03 -14.80 -1.10
N HIS B 361 -30.70 -14.91 -1.06
CA HIS B 361 -29.85 -13.88 -1.67
C HIS B 361 -30.18 -13.80 -3.16
N GLU B 362 -30.23 -14.97 -3.84
CA GLU B 362 -30.47 -14.98 -5.28
C GLU B 362 -31.88 -14.46 -5.60
N MET B 363 -32.89 -14.88 -4.81
CA MET B 363 -34.25 -14.46 -5.09
C MET B 363 -34.42 -12.96 -4.83
N GLY B 364 -33.57 -12.38 -3.95
CA GLY B 364 -33.50 -10.94 -3.72
C GLY B 364 -33.22 -10.24 -5.06
N HIS B 365 -32.30 -10.81 -5.86
CA HIS B 365 -31.95 -10.20 -7.14
C HIS B 365 -33.15 -10.28 -8.08
N ILE B 366 -33.81 -11.44 -8.09
CA ILE B 366 -34.97 -11.59 -8.95
C ILE B 366 -36.07 -10.60 -8.59
N GLN B 367 -36.40 -10.51 -7.29
CA GLN B 367 -37.41 -9.55 -6.90
C GLN B 367 -37.10 -8.15 -7.46
N TYR B 368 -35.85 -7.69 -7.29
CA TYR B 368 -35.43 -6.39 -7.81
C TYR B 368 -35.84 -6.30 -9.28
N TYR B 369 -35.46 -7.32 -10.05
CA TYR B 369 -35.66 -7.31 -11.48
C TYR B 369 -37.15 -7.28 -11.83
N LEU B 370 -38.00 -7.86 -10.96
CA LEU B 370 -39.43 -7.86 -11.17
C LEU B 370 -39.98 -6.47 -10.85
N GLN B 371 -39.36 -5.81 -9.89
CA GLN B 371 -39.88 -4.52 -9.44
C GLN B 371 -39.50 -3.40 -10.42
N TYR B 372 -38.40 -3.54 -11.21
CA TYR B 372 -38.04 -2.43 -12.09
C TYR B 372 -38.15 -2.79 -13.58
N LYS B 373 -38.88 -3.86 -13.90
CA LYS B 373 -38.89 -4.37 -15.25
C LYS B 373 -39.61 -3.38 -16.20
N ASP B 374 -40.35 -2.41 -15.67
CA ASP B 374 -41.06 -1.50 -16.57
C ASP B 374 -40.26 -0.22 -16.78
N LEU B 375 -38.96 -0.30 -16.53
CA LEU B 375 -38.10 0.87 -16.64
C LEU B 375 -37.36 0.84 -17.97
N PRO B 376 -36.98 2.04 -18.47
CA PRO B 376 -35.94 2.18 -19.48
C PRO B 376 -34.71 1.42 -19.00
N VAL B 377 -34.29 0.46 -19.82
CA VAL B 377 -33.19 -0.47 -19.52
C VAL B 377 -32.14 0.14 -18.58
N SER B 378 -31.57 1.28 -18.94
CA SER B 378 -30.45 1.86 -18.22
C SER B 378 -30.82 2.24 -16.80
N LEU B 379 -32.10 2.17 -16.44
CA LEU B 379 -32.45 2.38 -15.04
C LEU B 379 -32.65 1.04 -14.32
N ARG B 380 -32.50 -0.09 -15.02
CA ARG B 380 -32.77 -1.42 -14.48
C ARG B 380 -31.51 -2.01 -13.88
N ARG B 381 -31.00 -1.30 -12.87
CA ARG B 381 -29.83 -1.73 -12.12
C ARG B 381 -30.24 -1.40 -10.72
N GLY B 382 -29.46 -1.79 -9.68
CA GLY B 382 -29.78 -1.32 -8.34
C GLY B 382 -29.36 0.15 -8.24
N ALA B 383 -29.79 0.83 -7.18
CA ALA B 383 -29.45 2.22 -6.92
C ALA B 383 -27.92 2.39 -6.83
N ASN B 384 -27.25 1.37 -6.26
CA ASN B 384 -25.85 1.08 -6.48
C ASN B 384 -25.72 -0.45 -6.44
N PRO B 385 -24.59 -1.07 -6.86
CA PRO B 385 -24.50 -2.54 -6.87
C PRO B 385 -24.67 -3.19 -5.50
N GLY B 386 -24.27 -2.48 -4.44
CA GLY B 386 -24.42 -2.87 -3.04
C GLY B 386 -25.88 -3.09 -2.66
N PHE B 387 -26.78 -2.28 -3.25
CA PHE B 387 -28.20 -2.40 -2.99
C PHE B 387 -28.69 -3.74 -3.50
N HIS B 388 -28.21 -4.10 -4.70
CA HIS B 388 -28.67 -5.32 -5.33
C HIS B 388 -28.27 -6.50 -4.45
N GLU B 389 -27.08 -6.45 -3.82
CA GLU B 389 -26.57 -7.58 -3.06
C GLU B 389 -27.24 -7.67 -1.69
N ALA B 390 -27.92 -6.60 -1.26
CA ALA B 390 -28.37 -6.58 0.11
C ALA B 390 -29.81 -7.09 0.26
N ILE B 391 -30.57 -7.15 -0.85
CA ILE B 391 -32.03 -7.28 -0.73
C ILE B 391 -32.37 -8.63 -0.11
N GLY B 392 -31.84 -9.72 -0.69
CA GLY B 392 -32.26 -11.02 -0.19
C GLY B 392 -31.60 -11.32 1.15
N ASP B 393 -30.42 -10.71 1.39
CA ASP B 393 -29.73 -10.88 2.65
C ASP B 393 -30.58 -10.30 3.77
N VAL B 394 -31.28 -9.21 3.48
CA VAL B 394 -32.13 -8.60 4.49
C VAL B 394 -33.20 -9.57 4.92
N LEU B 395 -33.91 -10.20 3.94
CA LEU B 395 -34.96 -11.13 4.32
C LEU B 395 -34.33 -12.29 5.09
N ALA B 396 -33.15 -12.76 4.63
CA ALA B 396 -32.50 -13.88 5.31
C ALA B 396 -32.19 -13.58 6.78
N LEU B 397 -31.92 -12.33 7.13
CA LEU B 397 -31.74 -12.01 8.55
C LEU B 397 -33.01 -12.34 9.37
N SER B 398 -34.20 -12.11 8.81
CA SER B 398 -35.41 -12.47 9.53
C SER B 398 -35.55 -13.99 9.52
N VAL B 399 -35.29 -14.64 8.36
CA VAL B 399 -35.50 -16.07 8.24
C VAL B 399 -34.65 -16.83 9.25
N SER B 400 -33.41 -16.39 9.50
CA SER B 400 -32.49 -17.19 10.30
C SER B 400 -32.78 -17.09 11.81
N THR B 401 -33.66 -16.16 12.22
CA THR B 401 -33.99 -16.04 13.63
C THR B 401 -34.58 -17.34 14.15
N PRO B 402 -34.21 -17.74 15.39
CA PRO B 402 -34.78 -18.94 16.01
C PRO B 402 -36.30 -18.96 15.96
N GLU B 403 -36.93 -17.80 16.16
CA GLU B 403 -38.38 -17.76 16.21
C GLU B 403 -38.99 -18.05 14.83
N HIS B 404 -38.33 -17.54 13.79
CA HIS B 404 -38.84 -17.80 12.44
C HIS B 404 -38.60 -19.26 12.09
N LEU B 405 -37.39 -19.77 12.41
CA LEU B 405 -37.06 -21.16 12.15
C LEU B 405 -38.13 -22.03 12.80
N HIS B 406 -38.53 -21.65 14.02
CA HIS B 406 -39.62 -22.40 14.66
C HIS B 406 -40.92 -22.30 13.87
N LYS B 407 -41.19 -21.12 13.29
CA LYS B 407 -42.43 -20.97 12.54
C LYS B 407 -42.48 -21.88 11.31
N ILE B 408 -41.34 -22.18 10.68
CA ILE B 408 -41.32 -22.99 9.46
C ILE B 408 -40.89 -24.42 9.77
N GLY B 409 -40.95 -24.82 11.04
CA GLY B 409 -40.85 -26.20 11.49
C GLY B 409 -39.43 -26.77 11.46
N LEU B 410 -38.39 -25.93 11.45
CA LEU B 410 -37.00 -26.36 11.44
C LEU B 410 -36.36 -26.30 12.82
N LEU B 411 -37.07 -25.88 13.87
CA LEU B 411 -36.42 -25.79 15.18
C LEU B 411 -37.49 -25.85 16.26
N ASP B 412 -37.24 -26.55 17.35
CA ASP B 412 -38.18 -26.51 18.47
C ASP B 412 -37.87 -25.32 19.38
N ARG B 413 -38.95 -24.61 19.78
CA ARG B 413 -38.88 -23.23 20.28
C ARG B 413 -37.73 -23.09 21.29
N VAL B 414 -36.94 -22.01 21.19
CA VAL B 414 -35.82 -21.87 22.10
C VAL B 414 -36.26 -21.02 23.28
N THR B 415 -35.60 -21.18 24.43
CA THR B 415 -35.94 -20.26 25.50
C THR B 415 -35.18 -18.95 25.26
N ASN B 416 -35.90 -17.84 25.32
CA ASN B 416 -35.39 -16.49 25.20
C ASN B 416 -34.52 -16.16 26.42
N ASP B 417 -33.35 -16.78 26.53
CA ASP B 417 -32.42 -16.43 27.60
C ASP B 417 -31.12 -15.87 27.01
N THR B 418 -30.28 -15.28 27.87
CA THR B 418 -29.07 -14.61 27.40
C THR B 418 -28.08 -15.57 26.72
N GLU B 419 -28.05 -16.85 27.13
CA GLU B 419 -27.17 -17.83 26.47
C GLU B 419 -27.59 -18.17 25.04
N SER B 420 -28.91 -18.35 24.80
CA SER B 420 -29.40 -18.57 23.45
C SER B 420 -29.11 -17.33 22.59
N ASP B 421 -29.33 -16.14 23.14
CA ASP B 421 -28.95 -14.90 22.45
C ASP B 421 -27.51 -15.02 22.00
N ILE B 422 -26.60 -15.31 22.94
CA ILE B 422 -25.18 -15.32 22.61
C ILE B 422 -24.90 -16.34 21.51
N ASN B 423 -25.45 -17.57 21.62
CA ASN B 423 -25.18 -18.61 20.63
C ASN B 423 -25.64 -18.19 19.24
N TYR B 424 -26.80 -17.53 19.17
CA TYR B 424 -27.35 -17.11 17.88
C TYR B 424 -26.47 -16.00 17.29
N LEU B 425 -26.11 -15.03 18.13
CA LEU B 425 -25.35 -13.88 17.64
C LEU B 425 -23.97 -14.31 17.17
N LEU B 426 -23.46 -15.37 17.78
CA LEU B 426 -22.14 -15.84 17.43
C LEU B 426 -22.24 -16.55 16.08
N LYS B 427 -23.27 -17.36 15.89
CA LYS B 427 -23.43 -17.98 14.57
C LYS B 427 -23.53 -16.90 13.48
N MET B 428 -24.29 -15.83 13.75
CA MET B 428 -24.50 -14.73 12.81
C MET B 428 -23.17 -13.99 12.61
N ALA B 429 -22.33 -13.93 13.65
CA ALA B 429 -21.04 -13.28 13.49
C ALA B 429 -20.14 -14.10 12.54
N LEU B 430 -20.15 -15.44 12.65
CA LEU B 430 -19.33 -16.30 11.81
C LEU B 430 -19.66 -16.09 10.32
N GLU B 431 -20.93 -15.76 10.07
CA GLU B 431 -21.36 -15.53 8.70
C GLU B 431 -21.11 -14.10 8.21
N LYS B 432 -21.39 -13.08 9.04
CA LYS B 432 -21.45 -11.69 8.64
C LYS B 432 -20.16 -10.93 9.00
N ILE B 433 -19.67 -11.07 10.25
N ILE B 433 -19.70 -11.08 10.26
CA ILE B 433 -18.47 -10.32 10.63
CA ILE B 433 -18.48 -10.38 10.71
C ILE B 433 -17.24 -10.96 10.01
C ILE B 433 -17.26 -10.97 10.00
N ALA B 434 -17.16 -12.30 9.97
CA ALA B 434 -15.98 -12.93 9.40
C ALA B 434 -15.78 -12.52 7.93
N PHE B 435 -16.87 -12.22 7.21
CA PHE B 435 -16.85 -11.86 5.81
C PHE B 435 -16.26 -10.49 5.57
N LEU B 436 -16.43 -9.59 6.54
CA LEU B 436 -16.08 -8.21 6.27
C LEU B 436 -14.66 -8.00 5.72
N PRO B 437 -13.57 -8.48 6.37
CA PRO B 437 -12.25 -8.20 5.85
C PRO B 437 -12.13 -8.74 4.42
N PHE B 438 -12.78 -9.83 4.09
CA PHE B 438 -12.51 -10.40 2.78
C PHE B 438 -13.30 -9.60 1.74
N GLY B 439 -14.53 -9.23 2.13
CA GLY B 439 -15.33 -8.31 1.33
C GLY B 439 -14.57 -7.03 1.00
N TYR B 440 -13.83 -6.48 1.98
CA TYR B 440 -13.06 -5.26 1.74
C TYR B 440 -11.82 -5.52 0.88
N LEU B 441 -11.09 -6.65 1.08
CA LEU B 441 -9.73 -6.71 0.53
C LEU B 441 -9.70 -7.09 -0.96
N VAL B 442 -10.69 -7.84 -1.43
CA VAL B 442 -10.66 -8.37 -2.79
C VAL B 442 -10.47 -7.25 -3.82
N ASP B 443 -11.31 -6.20 -3.73
CA ASP B 443 -11.19 -5.14 -4.70
C ASP B 443 -10.03 -4.23 -4.33
N GLN B 444 -9.54 -4.22 -3.08
CA GLN B 444 -8.24 -3.55 -2.87
C GLN B 444 -7.14 -4.23 -3.69
N TRP B 445 -7.12 -5.55 -3.74
CA TRP B 445 -6.18 -6.23 -4.61
C TRP B 445 -6.41 -5.83 -6.07
N ARG B 446 -7.68 -5.95 -6.52
CA ARG B 446 -7.92 -5.74 -7.94
C ARG B 446 -7.77 -4.28 -8.35
N TRP B 447 -8.15 -3.31 -7.47
CA TRP B 447 -7.82 -1.93 -7.80
C TRP B 447 -6.31 -1.71 -7.97
N GLY B 448 -5.45 -2.37 -7.18
CA GLY B 448 -4.01 -2.17 -7.33
C GLY B 448 -3.52 -2.84 -8.63
N VAL B 449 -4.16 -3.94 -9.03
CA VAL B 449 -3.77 -4.56 -10.28
C VAL B 449 -4.14 -3.62 -11.43
N PHE B 450 -5.39 -3.16 -11.49
CA PHE B 450 -5.78 -2.28 -12.59
C PHE B 450 -4.95 -0.99 -12.62
N SER B 451 -4.57 -0.43 -11.46
CA SER B 451 -3.79 0.79 -11.44
C SER B 451 -2.33 0.60 -11.86
N GLY B 452 -1.86 -0.65 -11.94
CA GLY B 452 -0.43 -0.91 -12.18
C GLY B 452 0.42 -0.97 -10.89
N ARG B 453 -0.18 -0.71 -9.73
CA ARG B 453 0.59 -0.76 -8.49
C ARG B 453 1.03 -2.20 -8.23
N THR B 454 0.22 -3.18 -8.68
CA THR B 454 0.47 -4.60 -8.58
C THR B 454 0.66 -5.20 -9.98
N PRO B 455 1.93 -5.27 -10.45
CA PRO B 455 2.23 -5.90 -11.74
C PRO B 455 2.14 -7.42 -11.58
N PRO B 456 2.09 -8.21 -12.69
CA PRO B 456 2.08 -9.68 -12.60
C PRO B 456 3.11 -10.30 -11.66
N SER B 457 4.27 -9.64 -11.52
CA SER B 457 5.37 -10.15 -10.72
C SER B 457 5.05 -10.04 -9.22
N ARG B 458 3.94 -9.36 -8.88
CA ARG B 458 3.55 -9.28 -7.47
C ARG B 458 2.10 -9.69 -7.22
N TYR B 459 1.41 -10.29 -8.20
CA TYR B 459 0.01 -10.67 -7.96
C TYR B 459 -0.18 -11.50 -6.70
N ASN B 460 0.64 -12.55 -6.46
CA ASN B 460 0.41 -13.39 -5.29
C ASN B 460 0.97 -12.75 -4.01
N PHE B 461 2.17 -12.15 -4.12
CA PHE B 461 2.74 -11.38 -3.00
C PHE B 461 1.71 -10.37 -2.43
N ASP B 462 1.09 -9.54 -3.28
CA ASP B 462 0.12 -8.53 -2.83
C ASP B 462 -1.21 -9.13 -2.36
N TRP B 463 -1.62 -10.23 -2.99
CA TRP B 463 -2.79 -10.96 -2.51
C TRP B 463 -2.62 -11.42 -1.05
N TRP B 464 -1.51 -12.13 -0.81
CA TRP B 464 -1.32 -12.65 0.53
C TRP B 464 -1.00 -11.54 1.55
N TYR B 465 -0.32 -10.48 1.13
CA TYR B 465 -0.15 -9.27 1.97
C TYR B 465 -1.54 -8.87 2.50
N LEU B 466 -2.51 -8.76 1.59
CA LEU B 466 -3.85 -8.26 1.93
C LEU B 466 -4.60 -9.31 2.75
N ARG B 467 -4.48 -10.58 2.36
CA ARG B 467 -5.12 -11.64 3.15
C ARG B 467 -4.64 -11.64 4.59
N THR B 468 -3.33 -11.58 4.80
CA THR B 468 -2.80 -11.52 6.15
C THR B 468 -3.20 -10.20 6.83
N LYS B 469 -2.99 -9.04 6.16
CA LYS B 469 -3.29 -7.73 6.74
C LYS B 469 -4.72 -7.72 7.31
N TYR B 470 -5.70 -8.17 6.50
CA TYR B 470 -7.11 -7.92 6.82
C TYR B 470 -7.73 -9.14 7.50
N GLN B 471 -7.50 -10.36 6.96
CA GLN B 471 -8.20 -11.52 7.49
C GLN B 471 -7.34 -12.22 8.54
N GLY B 472 -6.04 -12.00 8.60
CA GLY B 472 -5.23 -12.66 9.63
C GLY B 472 -5.16 -14.17 9.42
N ILE B 473 -4.96 -14.56 8.12
CA ILE B 473 -4.84 -15.94 7.70
C ILE B 473 -3.52 -16.09 6.95
N CYS B 474 -3.06 -17.32 6.78
CA CYS B 474 -1.82 -17.51 6.04
C CYS B 474 -1.99 -18.74 5.19
N PRO B 475 -1.24 -18.88 4.07
CA PRO B 475 -1.44 -20.03 3.20
C PRO B 475 -0.84 -21.19 3.99
N PRO B 476 -1.49 -22.38 3.97
CA PRO B 476 -1.00 -23.52 4.73
C PRO B 476 0.10 -24.25 3.97
N VAL B 477 0.37 -23.85 2.73
CA VAL B 477 1.57 -24.37 2.05
C VAL B 477 2.28 -23.16 1.44
N THR B 478 3.58 -23.31 1.18
CA THR B 478 4.35 -22.25 0.55
C THR B 478 3.72 -21.87 -0.80
N ARG B 479 3.63 -20.56 -1.09
CA ARG B 479 3.18 -20.08 -2.39
C ARG B 479 4.29 -19.25 -3.02
N ASN B 480 4.36 -19.17 -4.36
CA ASN B 480 5.26 -18.21 -4.98
C ASN B 480 4.52 -17.58 -6.15
N GLU B 481 5.23 -16.86 -7.02
CA GLU B 481 4.50 -16.14 -8.07
C GLU B 481 4.04 -17.03 -9.24
N THR B 482 4.40 -18.35 -9.28
CA THR B 482 3.72 -19.21 -10.25
C THR B 482 2.26 -19.39 -9.83
N HIS B 483 2.00 -19.31 -8.54
CA HIS B 483 0.64 -19.42 -8.04
C HIS B 483 -0.10 -18.09 -8.25
N PHE B 484 -1.42 -18.19 -8.48
CA PHE B 484 -2.28 -17.03 -8.65
C PHE B 484 -3.54 -17.30 -7.82
N ASP B 485 -3.40 -17.09 -6.51
CA ASP B 485 -4.41 -17.50 -5.53
C ASP B 485 -5.69 -16.67 -5.67
N ALA B 486 -5.56 -15.41 -6.04
CA ALA B 486 -6.73 -14.58 -6.30
C ALA B 486 -7.56 -15.21 -7.44
N GLY B 487 -6.91 -15.87 -8.43
CA GLY B 487 -7.64 -16.46 -9.55
C GLY B 487 -8.47 -17.68 -9.16
N ALA B 488 -8.28 -18.18 -7.93
CA ALA B 488 -9.07 -19.31 -7.46
C ALA B 488 -10.37 -18.88 -6.75
N LYS B 489 -10.73 -17.59 -6.82
CA LYS B 489 -12.03 -17.14 -6.33
C LYS B 489 -12.87 -16.73 -7.54
N PHE B 490 -14.10 -17.26 -7.66
CA PHE B 490 -14.98 -17.04 -8.82
C PHE B 490 -14.94 -15.65 -9.48
N HIS B 491 -15.11 -14.59 -8.68
CA HIS B 491 -15.39 -13.28 -9.20
C HIS B 491 -14.20 -12.65 -9.94
N VAL B 492 -12.98 -13.17 -9.70
CA VAL B 492 -11.79 -12.66 -10.37
C VAL B 492 -11.80 -13.11 -11.83
N PRO B 493 -11.68 -14.41 -12.18
CA PRO B 493 -11.77 -14.83 -13.59
C PRO B 493 -13.09 -14.39 -14.25
N ASN B 494 -14.16 -14.21 -13.47
CA ASN B 494 -15.50 -13.93 -13.97
C ASN B 494 -15.73 -12.43 -13.98
N VAL B 495 -14.68 -11.65 -13.68
CA VAL B 495 -14.67 -10.21 -13.72
C VAL B 495 -15.94 -9.64 -13.11
N THR B 496 -16.29 -10.07 -11.90
CA THR B 496 -17.43 -9.45 -11.24
C THR B 496 -16.85 -8.64 -10.09
N PRO B 497 -17.10 -7.32 -9.99
CA PRO B 497 -16.58 -6.51 -8.88
C PRO B 497 -17.07 -7.07 -7.54
N TYR B 498 -16.28 -6.78 -6.50
CA TYR B 498 -16.49 -7.38 -5.20
C TYR B 498 -16.90 -6.37 -4.12
N ILE B 499 -16.54 -5.09 -4.27
CA ILE B 499 -16.72 -4.13 -3.19
C ILE B 499 -18.22 -4.00 -2.82
N ARG B 500 -19.11 -4.35 -3.78
CA ARG B 500 -20.55 -4.39 -3.57
C ARG B 500 -20.91 -5.28 -2.39
N TYR B 501 -20.11 -6.35 -2.13
CA TYR B 501 -20.49 -7.23 -1.03
C TYR B 501 -20.11 -6.63 0.31
N PHE B 502 -18.96 -5.97 0.38
CA PHE B 502 -18.67 -5.23 1.61
C PHE B 502 -19.75 -4.15 1.88
N VAL B 503 -20.13 -3.37 0.86
CA VAL B 503 -21.20 -2.38 1.00
C VAL B 503 -22.51 -3.01 1.50
N SER B 504 -22.91 -4.15 0.89
N SER B 504 -22.85 -4.17 0.92
CA SER B 504 -24.14 -4.86 1.26
CA SER B 504 -24.10 -4.88 1.19
C SER B 504 -24.12 -5.26 2.73
C SER B 504 -24.15 -5.49 2.58
N PHE B 505 -22.97 -5.79 3.17
CA PHE B 505 -22.89 -6.40 4.47
C PHE B 505 -23.15 -5.33 5.53
N VAL B 506 -22.71 -4.09 5.23
CA VAL B 506 -23.06 -2.97 6.09
C VAL B 506 -24.50 -2.49 5.80
N LEU B 507 -24.83 -2.37 4.52
CA LEU B 507 -26.12 -1.82 4.13
C LEU B 507 -27.28 -2.70 4.63
N GLN B 508 -27.14 -4.02 4.66
CA GLN B 508 -28.25 -4.90 5.04
C GLN B 508 -28.74 -4.66 6.47
N PHE B 509 -27.81 -4.23 7.35
CA PHE B 509 -28.20 -3.92 8.73
C PHE B 509 -28.95 -2.60 8.81
N GLN B 510 -28.62 -1.64 7.93
CA GLN B 510 -29.33 -0.37 7.88
C GLN B 510 -30.77 -0.63 7.40
N PHE B 511 -30.88 -1.44 6.35
CA PHE B 511 -32.18 -1.80 5.80
C PHE B 511 -33.01 -2.55 6.84
N HIS B 512 -32.38 -3.50 7.53
CA HIS B 512 -33.04 -4.35 8.51
C HIS B 512 -33.63 -3.48 9.63
N GLU B 513 -32.82 -2.54 10.17
CA GLU B 513 -33.33 -1.67 11.24
C GLU B 513 -34.45 -0.79 10.68
N ALA B 514 -34.28 -0.24 9.48
CA ALA B 514 -35.38 0.56 8.95
C ALA B 514 -36.65 -0.29 8.77
N LEU B 515 -36.50 -1.54 8.33
CA LEU B 515 -37.64 -2.40 8.02
C LEU B 515 -38.38 -2.80 9.29
N CYS B 516 -37.61 -3.17 10.32
CA CYS B 516 -38.13 -3.59 11.61
C CYS B 516 -38.84 -2.43 12.29
N LYS B 517 -38.42 -1.20 11.97
CA LYS B 517 -39.15 -0.04 12.48
C LYS B 517 -40.47 0.15 11.73
N GLU B 518 -40.45 0.08 10.41
CA GLU B 518 -41.66 0.22 9.63
C GLU B 518 -42.63 -0.88 10.05
N ALA B 519 -42.12 -2.08 10.37
CA ALA B 519 -42.94 -3.20 10.81
C ALA B 519 -43.65 -2.94 12.15
N GLY B 520 -43.16 -1.99 12.94
CA GLY B 520 -43.74 -1.72 14.24
C GLY B 520 -43.17 -2.64 15.32
N TYR B 521 -42.09 -3.37 15.00
CA TYR B 521 -41.44 -4.27 15.94
C TYR B 521 -40.65 -3.47 16.99
N GLU B 522 -40.51 -4.03 18.20
CA GLU B 522 -40.04 -3.21 19.32
C GLU B 522 -39.04 -3.92 20.22
N GLY B 523 -38.67 -5.17 19.93
CA GLY B 523 -37.69 -5.86 20.77
C GLY B 523 -36.26 -5.62 20.29
N PRO B 524 -35.31 -6.46 20.76
CA PRO B 524 -33.94 -6.37 20.26
C PRO B 524 -33.89 -6.55 18.73
N LEU B 525 -33.11 -5.67 18.09
CA LEU B 525 -32.88 -5.72 16.65
C LEU B 525 -32.64 -7.16 16.14
N HIS B 526 -31.86 -7.95 16.87
CA HIS B 526 -31.46 -9.23 16.28
C HIS B 526 -32.52 -10.33 16.45
N GLN B 527 -33.69 -9.93 16.95
CA GLN B 527 -34.77 -10.87 17.22
C GLN B 527 -35.97 -10.49 16.35
N CYS B 528 -35.82 -9.44 15.52
CA CYS B 528 -36.88 -9.01 14.64
C CYS B 528 -37.08 -9.98 13.46
N ASP B 529 -38.37 -10.24 13.15
CA ASP B 529 -38.79 -11.00 11.99
C ASP B 529 -39.83 -10.15 11.25
N ILE B 530 -39.54 -9.73 10.01
CA ILE B 530 -40.43 -8.85 9.25
C ILE B 530 -41.45 -9.65 8.48
N TYR B 531 -41.37 -10.98 8.55
CA TYR B 531 -42.36 -11.85 7.90
C TYR B 531 -43.77 -11.30 8.08
N ARG B 532 -44.50 -11.23 6.97
CA ARG B 532 -45.92 -10.86 6.99
C ARG B 532 -46.19 -9.39 7.26
N SER B 533 -45.14 -8.53 7.33
CA SER B 533 -45.33 -7.08 7.47
C SER B 533 -45.52 -6.45 6.09
N THR B 534 -46.79 -6.09 5.78
CA THR B 534 -47.14 -5.36 4.57
C THR B 534 -46.49 -3.96 4.55
N LYS B 535 -46.34 -3.30 5.70
CA LYS B 535 -45.69 -1.99 5.79
C LYS B 535 -44.20 -2.07 5.44
N ALA B 536 -43.46 -3.01 6.06
CA ALA B 536 -42.07 -3.19 5.68
C ALA B 536 -41.97 -3.54 4.19
N GLY B 537 -42.86 -4.41 3.70
CA GLY B 537 -42.93 -4.73 2.28
C GLY B 537 -43.10 -3.47 1.42
N ALA B 538 -44.01 -2.56 1.83
CA ALA B 538 -44.32 -1.32 1.12
C ALA B 538 -43.05 -0.46 0.99
N LYS B 539 -42.34 -0.28 2.11
CA LYS B 539 -41.08 0.47 2.10
C LYS B 539 -40.01 -0.19 1.22
N LEU B 540 -39.82 -1.50 1.32
CA LEU B 540 -38.88 -2.19 0.46
C LEU B 540 -39.29 -2.00 -1.00
N ARG B 541 -40.60 -2.07 -1.29
CA ARG B 541 -41.06 -1.98 -2.66
C ARG B 541 -40.58 -0.68 -3.31
N LYS B 542 -40.59 0.43 -2.56
CA LYS B 542 -40.27 1.75 -3.09
C LYS B 542 -38.81 1.79 -3.52
N VAL B 543 -37.94 1.21 -2.70
CA VAL B 543 -36.55 1.01 -3.09
C VAL B 543 -36.47 0.25 -4.41
N LEU B 544 -37.15 -0.90 -4.54
CA LEU B 544 -36.87 -1.78 -5.66
C LEU B 544 -37.38 -1.20 -6.99
N ARG B 545 -38.48 -0.46 -6.95
CA ARG B 545 -39.07 0.07 -8.17
C ARG B 545 -38.24 1.23 -8.76
N ALA B 546 -37.51 1.93 -7.89
CA ALA B 546 -36.69 3.09 -8.23
C ALA B 546 -35.53 2.70 -9.15
N GLY B 547 -35.11 1.42 -9.16
CA GLY B 547 -33.94 1.02 -9.91
C GLY B 547 -32.80 2.00 -9.65
N SER B 548 -32.15 2.47 -10.73
CA SER B 548 -31.11 3.50 -10.64
C SER B 548 -31.58 4.81 -11.26
N SER B 549 -32.86 5.12 -11.10
CA SER B 549 -33.41 6.36 -11.62
C SER B 549 -32.90 7.52 -10.78
N ARG B 550 -32.77 7.27 -9.48
CA ARG B 550 -32.41 8.28 -8.52
C ARG B 550 -31.04 7.99 -7.90
N PRO B 551 -30.35 9.03 -7.35
CA PRO B 551 -29.11 8.82 -6.56
C PRO B 551 -29.35 7.96 -5.32
N TRP B 552 -28.44 6.98 -5.13
CA TRP B 552 -28.61 5.98 -4.09
C TRP B 552 -28.62 6.68 -2.75
N GLN B 553 -27.94 7.83 -2.67
CA GLN B 553 -27.92 8.61 -1.45
C GLN B 553 -29.32 9.12 -1.06
N GLU B 554 -30.14 9.39 -2.07
CA GLU B 554 -31.47 9.90 -1.83
C GLU B 554 -32.41 8.73 -1.60
N VAL B 555 -32.26 7.70 -2.43
CA VAL B 555 -32.98 6.45 -2.21
C VAL B 555 -32.76 6.02 -0.76
N LEU B 556 -31.49 6.08 -0.27
CA LEU B 556 -31.14 5.63 1.07
C LEU B 556 -31.84 6.45 2.15
N LYS B 557 -31.79 7.78 2.04
CA LYS B 557 -32.42 8.68 3.01
C LYS B 557 -33.92 8.40 3.12
N ASP B 558 -34.59 8.24 1.97
CA ASP B 558 -36.03 8.01 1.98
C ASP B 558 -36.28 6.74 2.78
N MET B 559 -35.39 5.76 2.59
CA MET B 559 -35.59 4.43 3.16
C MET B 559 -35.24 4.43 4.64
N VAL B 560 -34.04 4.89 5.01
CA VAL B 560 -33.58 4.64 6.37
C VAL B 560 -33.46 5.91 7.18
N GLY B 561 -33.56 7.10 6.55
CA GLY B 561 -33.49 8.38 7.27
C GLY B 561 -32.09 9.01 7.25
N LEU B 562 -31.13 8.35 6.61
CA LEU B 562 -29.76 8.83 6.56
C LEU B 562 -29.28 8.72 5.12
N ASP B 563 -28.31 9.54 4.74
CA ASP B 563 -27.92 9.62 3.34
C ASP B 563 -26.57 8.93 3.11
N ALA B 564 -26.04 8.22 4.12
CA ALA B 564 -24.77 7.53 3.94
C ALA B 564 -24.77 6.13 4.55
N LEU B 565 -23.89 5.26 4.01
CA LEU B 565 -23.48 4.01 4.63
C LEU B 565 -23.09 4.29 6.08
N ASP B 566 -23.46 3.38 6.97
CA ASP B 566 -23.29 3.60 8.40
C ASP B 566 -23.18 2.25 9.11
N ALA B 567 -22.21 2.13 10.02
CA ALA B 567 -21.95 0.90 10.74
C ALA B 567 -22.78 0.75 12.02
N GLN B 568 -23.53 1.80 12.46
CA GLN B 568 -24.15 1.72 13.77
C GLN B 568 -25.20 0.62 13.80
N PRO B 569 -26.05 0.48 12.78
CA PRO B 569 -27.02 -0.63 12.77
C PRO B 569 -26.34 -1.98 12.95
N LEU B 570 -25.28 -2.25 12.20
CA LEU B 570 -24.60 -3.51 12.35
C LEU B 570 -24.06 -3.65 13.76
N LEU B 571 -23.41 -2.59 14.23
CA LEU B 571 -22.85 -2.65 15.57
C LEU B 571 -23.94 -2.92 16.62
N LYS B 572 -25.11 -2.31 16.40
CA LYS B 572 -26.17 -2.42 17.40
C LYS B 572 -26.78 -3.83 17.34
N TYR B 573 -26.87 -4.42 16.13
CA TYR B 573 -27.32 -5.80 15.99
C TYR B 573 -26.47 -6.74 16.83
N PHE B 574 -25.13 -6.58 16.78
CA PHE B 574 -24.23 -7.56 17.36
C PHE B 574 -23.74 -7.18 18.77
N GLN B 575 -24.13 -5.98 19.25
CA GLN B 575 -23.73 -5.37 20.52
C GLN B 575 -23.50 -6.41 21.62
N LEU B 576 -24.42 -7.38 21.83
CA LEU B 576 -24.30 -8.32 22.94
C LEU B 576 -23.16 -9.29 22.81
N VAL B 577 -22.98 -9.84 21.59
CA VAL B 577 -21.92 -10.80 21.30
C VAL B 577 -20.59 -10.04 21.22
N THR B 578 -20.64 -8.77 20.79
CA THR B 578 -19.40 -7.99 20.70
C THR B 578 -18.84 -7.90 22.11
N GLN B 579 -19.74 -7.53 23.04
CA GLN B 579 -19.42 -7.28 24.43
C GLN B 579 -18.92 -8.59 25.03
N TRP B 580 -19.61 -9.69 24.71
CA TRP B 580 -19.29 -11.00 25.25
C TRP B 580 -17.91 -11.44 24.80
N LEU B 581 -17.63 -11.35 23.49
CA LEU B 581 -16.42 -11.92 22.93
C LEU B 581 -15.20 -11.24 23.54
N GLN B 582 -15.29 -9.91 23.70
CA GLN B 582 -14.28 -9.08 24.34
C GLN B 582 -13.91 -9.60 25.72
N GLU B 583 -14.93 -9.99 26.51
CA GLU B 583 -14.78 -10.55 27.83
C GLU B 583 -14.09 -11.90 27.76
N GLN B 584 -14.57 -12.82 26.91
CA GLN B 584 -13.95 -14.14 26.83
C GLN B 584 -12.45 -14.07 26.50
N ASN B 585 -12.08 -13.20 25.54
CA ASN B 585 -10.71 -13.24 25.06
C ASN B 585 -9.74 -12.87 26.19
N GLN B 586 -10.06 -11.77 26.91
CA GLN B 586 -9.39 -11.35 28.16
C GLN B 586 -9.18 -12.50 29.14
N GLN B 587 -10.21 -13.30 29.42
CA GLN B 587 -10.11 -14.38 30.39
C GLN B 587 -9.15 -15.47 29.92
N ASN B 588 -9.07 -15.71 28.61
CA ASN B 588 -8.08 -16.66 28.14
C ASN B 588 -6.77 -15.93 27.86
N GLY B 589 -6.72 -14.64 28.23
CA GLY B 589 -5.61 -13.74 27.99
C GLY B 589 -5.15 -13.75 26.52
N GLU B 590 -6.09 -13.61 25.58
CA GLU B 590 -5.72 -13.69 24.17
C GLU B 590 -4.93 -12.47 23.74
N VAL B 591 -4.10 -12.69 22.71
CA VAL B 591 -3.52 -11.61 21.94
C VAL B 591 -4.46 -11.37 20.77
N LEU B 592 -4.98 -10.14 20.70
CA LEU B 592 -5.79 -9.70 19.58
C LEU B 592 -4.84 -9.40 18.42
N GLY B 593 -5.15 -9.91 17.24
CA GLY B 593 -4.24 -9.69 16.12
C GLY B 593 -3.27 -10.85 15.99
N TRP B 594 -2.30 -10.68 15.10
CA TRP B 594 -1.39 -11.75 14.73
C TRP B 594 0.01 -11.16 14.58
N PRO B 595 0.63 -10.78 15.72
CA PRO B 595 1.97 -10.17 15.74
C PRO B 595 3.08 -11.04 15.13
N GLU B 596 2.85 -12.38 15.11
CA GLU B 596 3.79 -13.31 14.49
C GLU B 596 3.46 -13.47 12.99
N TYR B 597 3.67 -12.39 12.23
CA TYR B 597 2.98 -12.22 10.98
C TYR B 597 3.68 -13.09 9.92
N GLN B 598 4.89 -13.54 10.22
CA GLN B 598 5.68 -14.34 9.27
C GLN B 598 5.36 -15.84 9.43
N TRP B 599 4.53 -16.19 10.42
CA TRP B 599 4.32 -17.59 10.77
C TRP B 599 3.49 -18.32 9.72
N HIS B 600 3.98 -19.50 9.28
CA HIS B 600 3.20 -20.47 8.51
C HIS B 600 3.20 -21.81 9.23
N PRO B 601 2.13 -22.63 9.13
CA PRO B 601 2.12 -23.96 9.74
C PRO B 601 3.10 -24.87 9.01
N PRO B 602 3.62 -25.94 9.64
CA PRO B 602 4.43 -26.92 8.92
C PRO B 602 3.52 -27.84 8.12
N LEU B 603 4.06 -28.64 7.19
CA LEU B 603 3.34 -29.69 6.48
C LEU B 603 3.04 -30.87 7.41
N PRO B 604 1.88 -31.55 7.27
CA PRO B 604 1.64 -32.80 8.00
C PRO B 604 2.65 -33.88 7.58
N ASP B 605 2.83 -34.88 8.44
CA ASP B 605 3.89 -35.86 8.21
C ASP B 605 3.63 -36.63 6.92
N ASN B 606 4.67 -36.66 6.06
CA ASN B 606 4.64 -37.26 4.72
C ASN B 606 3.37 -36.85 3.99
N TYR B 607 3.26 -35.56 3.66
CA TYR B 607 2.21 -35.06 2.81
C TYR B 607 2.71 -35.06 1.36
N PRO B 608 1.90 -35.51 0.36
CA PRO B 608 0.53 -35.95 0.60
C PRO B 608 0.17 -37.43 0.49
N GLU B 609 0.51 -38.24 1.50
CA GLU B 609 0.26 -39.69 1.45
C GLU B 609 -0.16 -40.21 2.83
#